data_4IR1
#
_entry.id   4IR1
#
_cell.length_a   85.750
_cell.length_b   57.250
_cell.length_c   111.301
_cell.angle_alpha   90.00
_cell.angle_beta   90.44
_cell.angle_gamma   90.00
#
_symmetry.space_group_name_H-M   'P 1 21 1'
#
loop_
_entity.id
_entity.type
_entity.pdbx_description
1 polymer 'DNA polymerase IV'
2 polymer "DNA (5'-D(*TP*CP*TP*AP*GP*GP*GP*TP*CP*CP*TP*AP*GP*GP*AP*CP*CP*C)-3')"
3 polymer "DNA (5'-D(*GP*GP*GP*TP*CP*CP*TP*AP*GP*GP*AP*CP*CP*C)-3')"
4 polymer "DNA (5'-D(*CP*TP*AP*GP*GP*GP*TP*CP*CP*TP*AP*GP*GP*AP*CP*CP*C)-3')"
5 non-polymer "5'-O-[(R)-hydroxy{[(R)-hydroxy(phosphonooxy)phosphoryl]amino}phosphoryl]thymidine"
6 non-polymer 'MAGNESIUM ION'
7 water water
#
loop_
_entity_poly.entity_id
_entity_poly.type
_entity_poly.pdbx_seq_one_letter_code
_entity_poly.pdbx_strand_id
1 'polypeptide(L)'
;GSRKIIHVDMDCFFAAVEMRDNPALRDIPIAIGGSRERRGVISTANYPARKFGVRSAMPTGMALKLCPHLTLLPGRFDAY
KEASNHIREIFSRYTSRIEPLSLDEAYLDVTDSVHCHGSATLIAQEIRQTIFNELQLTASAGVAPVKFLAKIASDMNKPN
GQFVITPAEVPAFLQTLPLAKIPGVGKVSAAKLEAMGLRTCGDVQKCDLVMLLKRFGKFGRILWERSQGIDERDVNSERL
RKSVGVERTMAEDIHHWSECEAIIERLYPELERRLAKVKPDLLIARQGVKLKFDDFQQTTQEHVWPRLNKADLIATARKT
WDERRGGRGVRLVGLHVTLLDPQMERQLVLGL
;
F,A
2 'polydeoxyribonucleotide' (DT)(DC)(DT)(DA)(DG)(DG)(DG)(DT)(DC)(DC)(DT)(DA)(DG)(DG)(DA)(DC)(DC)(DC) G,B
3 'polydeoxyribonucleotide' (DG)(DG)(DG)(DT)(DC)(DC)(DT)(DA)(DG)(DG)(DA)(DC)(DC)(DC) H
4 'polydeoxyribonucleotide' (DC)(DT)(DA)(DG)(DG)(DG)(DT)(DC)(DC)(DT)(DA)(DG)(DG)(DA)(DC)(DC)(DC) C
#
loop_
_chem_comp.id
_chem_comp.type
_chem_comp.name
_chem_comp.formula
1FZ non-polymer 5'-O-[(R)-hydroxy{[(R)-hydroxy(phosphonooxy)phosphoryl]amino}phosphoryl]thymidine 'C10 H18 N3 O13 P3'
DA DNA linking 2'-DEOXYADENOSINE-5'-MONOPHOSPHATE 'C10 H14 N5 O6 P'
DC DNA linking 2'-DEOXYCYTIDINE-5'-MONOPHOSPHATE 'C9 H14 N3 O7 P'
DG DNA linking 2'-DEOXYGUANOSINE-5'-MONOPHOSPHATE 'C10 H14 N5 O7 P'
DT DNA linking THYMIDINE-5'-MONOPHOSPHATE 'C10 H15 N2 O8 P'
MG non-polymer 'MAGNESIUM ION' 'Mg 2'
#
# COMPACT_ATOMS: atom_id res chain seq x y z
N GLY A 1 28.20 -7.20 35.02
CA GLY A 1 28.34 -8.00 33.75
C GLY A 1 28.15 -7.17 32.49
N SER A 2 28.80 -6.01 32.44
CA SER A 2 28.90 -5.25 31.20
C SER A 2 29.98 -5.86 30.29
N ARG A 3 29.59 -6.10 29.05
CA ARG A 3 30.52 -6.56 28.03
C ARG A 3 31.19 -5.37 27.38
N LYS A 4 32.37 -5.62 26.81
CA LYS A 4 33.07 -4.60 26.06
C LYS A 4 33.07 -5.06 24.60
N ILE A 5 32.27 -4.41 23.78
CA ILE A 5 32.16 -4.79 22.37
C ILE A 5 32.76 -3.75 21.37
N ILE A 6 33.56 -4.23 20.44
CA ILE A 6 34.13 -3.37 19.43
C ILE A 6 33.53 -3.68 18.06
N HIS A 7 33.21 -2.65 17.28
CA HIS A 7 32.90 -2.86 15.88
C HIS A 7 33.95 -2.17 15.07
N VAL A 8 34.62 -2.90 14.20
CA VAL A 8 35.66 -2.33 13.34
C VAL A 8 35.13 -2.29 11.91
N ASP A 9 35.39 -1.19 11.21
CA ASP A 9 34.74 -0.93 9.94
C ASP A 9 35.68 -0.16 9.03
N MET A 10 36.10 -0.78 7.92
CA MET A 10 37.05 -0.15 7.02
C MET A 10 36.42 1.06 6.35
N ASP A 11 37.21 2.12 6.19
CA ASP A 11 36.76 3.31 5.49
C ASP A 11 36.72 3.13 4.00
N CYS A 12 35.59 3.48 3.37
CA CYS A 12 35.49 3.50 1.91
C CYS A 12 36.02 2.24 1.24
N PHE A 13 35.69 1.08 1.78
CA PHE A 13 36.53 -0.12 1.62
C PHE A 13 37.08 -0.40 0.21
N PHE A 14 36.21 -0.66 -0.75
CA PHE A 14 36.67 -1.02 -2.10
C PHE A 14 37.50 0.15 -2.64
N ALA A 15 36.97 1.38 -2.49
CA ALA A 15 37.65 2.56 -3.04
C ALA A 15 39.00 2.78 -2.36
N ALA A 16 39.08 2.53 -1.06
CA ALA A 16 40.34 2.72 -0.33
C ALA A 16 41.40 1.81 -0.89
N VAL A 17 41.03 0.55 -1.13
CA VAL A 17 41.95 -0.39 -1.73
C VAL A 17 42.38 0.03 -3.13
N GLU A 18 41.43 0.52 -3.93
CA GLU A 18 41.83 1.00 -5.25
C GLU A 18 42.73 2.22 -5.15
N MET A 19 42.58 3.05 -4.14
CA MET A 19 43.40 4.28 -4.06
C MET A 19 44.82 3.99 -3.54
N ARG A 20 44.93 3.04 -2.63
CA ARG A 20 46.23 2.56 -2.19
C ARG A 20 47.02 1.98 -3.36
N ASP A 21 46.38 1.13 -4.16
CA ASP A 21 47.06 0.45 -5.26
C ASP A 21 47.31 1.34 -6.46
N ASN A 22 46.51 2.40 -6.60
CA ASN A 22 46.82 3.39 -7.60
C ASN A 22 46.63 4.78 -7.04
N PRO A 23 47.72 5.41 -6.58
CA PRO A 23 47.75 6.76 -6.02
C PRO A 23 47.06 7.84 -6.86
N ALA A 24 47.05 7.68 -8.17
CA ALA A 24 46.48 8.73 -9.02
C ALA A 24 44.97 8.83 -8.86
N LEU A 25 44.38 7.82 -8.23
CA LEU A 25 42.97 7.81 -7.95
C LEU A 25 42.61 8.57 -6.67
N ARG A 26 43.61 9.10 -5.99
CA ARG A 26 43.41 9.56 -4.62
C ARG A 26 42.49 10.80 -4.49
N ASP A 27 42.63 11.77 -5.40
CA ASP A 27 42.04 13.09 -5.17
C ASP A 27 40.92 13.42 -6.13
N ILE A 28 40.71 12.51 -7.07
CA ILE A 28 39.61 12.62 -8.01
C ILE A 28 38.46 11.70 -7.58
N PRO A 29 37.23 12.09 -7.94
CA PRO A 29 36.05 11.30 -7.56
C PRO A 29 36.04 9.95 -8.24
N ILE A 30 36.02 8.86 -7.46
CA ILE A 30 35.93 7.51 -8.03
C ILE A 30 34.82 6.69 -7.38
N ALA A 31 34.33 5.69 -8.09
CA ALA A 31 33.41 4.74 -7.53
C ALA A 31 33.69 3.39 -8.16
N ILE A 32 33.41 2.31 -7.43
CA ILE A 32 33.30 1.00 -8.02
C ILE A 32 31.84 0.78 -8.37
N GLY A 33 31.57 0.38 -9.61
CA GLY A 33 30.22 0.02 -10.11
C GLY A 33 30.20 -0.35 -11.60
N GLY A 34 29.14 -1.01 -12.06
CA GLY A 34 28.98 -1.29 -13.49
C GLY A 34 28.52 -0.06 -14.28
N SER A 35 28.79 -0.05 -15.59
CA SER A 35 28.51 1.14 -16.38
C SER A 35 27.00 1.39 -16.54
N ARG A 36 26.66 2.63 -16.92
CA ARG A 36 25.27 2.99 -17.16
C ARG A 36 24.66 2.07 -18.19
N GLU A 37 25.42 1.81 -19.24
CA GLU A 37 24.93 1.00 -20.33
C GLU A 37 24.70 -0.42 -19.85
N ARG A 38 25.38 -0.82 -18.79
CA ARG A 38 25.19 -2.17 -18.28
C ARG A 38 24.06 -2.20 -17.24
N ARG A 39 23.35 -1.08 -17.11
CA ARG A 39 22.34 -0.90 -16.07
C ARG A 39 22.94 -1.02 -14.64
N GLY A 40 24.19 -0.63 -14.47
CA GLY A 40 24.79 -0.84 -13.16
C GLY A 40 24.38 0.12 -12.04
N VAL A 41 24.74 -0.24 -10.81
CA VAL A 41 24.68 0.63 -9.66
C VAL A 41 26.05 0.81 -9.02
N ILE A 42 26.18 1.80 -8.14
CA ILE A 42 27.40 2.09 -7.42
C ILE A 42 27.60 1.19 -6.18
N SER A 43 28.76 0.45 -6.12
CA SER A 43 29.10 -0.34 -4.96
C SER A 43 29.56 0.56 -3.80
N THR A 44 30.59 1.39 -4.00
CA THR A 44 30.95 2.46 -3.07
C THR A 44 31.67 3.58 -3.82
N ALA A 45 31.97 4.68 -3.15
CA ALA A 45 32.64 5.80 -3.74
C ALA A 45 33.67 6.36 -2.79
N ASN A 46 34.71 7.00 -3.32
CA ASN A 46 35.66 7.66 -2.45
C ASN A 46 35.07 8.97 -1.99
N TYR A 47 35.72 9.60 -1.01
CA TYR A 47 35.25 10.85 -0.48
C TYR A 47 35.19 11.98 -1.49
N PRO A 48 36.20 12.11 -2.33
CA PRO A 48 35.98 13.16 -3.33
C PRO A 48 34.70 12.95 -4.14
N ALA A 49 34.24 11.71 -4.33
CA ALA A 49 33.01 11.49 -5.07
C ALA A 49 31.75 11.68 -4.23
N ARG A 50 31.77 11.25 -2.96
CA ARG A 50 30.61 11.48 -2.05
C ARG A 50 30.30 12.97 -1.94
N LYS A 51 31.32 13.80 -2.02
CA LYS A 51 31.10 15.23 -2.04
C LYS A 51 30.02 15.67 -3.06
N PHE A 52 29.89 14.93 -4.16
CA PHE A 52 28.96 15.25 -5.24
C PHE A 52 27.63 14.59 -5.00
N GLY A 53 27.57 13.76 -3.96
CA GLY A 53 26.33 13.10 -3.62
C GLY A 53 26.28 11.65 -4.06
N VAL A 54 27.39 11.13 -4.58
CA VAL A 54 27.44 9.74 -4.97
C VAL A 54 27.43 8.79 -3.75
N ARG A 55 26.61 7.75 -3.81
CA ARG A 55 26.38 6.87 -2.67
C ARG A 55 26.37 5.46 -3.21
N SER A 56 26.62 4.51 -2.32
CA SER A 56 26.38 3.12 -2.60
C SER A 56 24.92 2.90 -2.96
N ALA A 57 24.63 1.94 -3.85
CA ALA A 57 23.28 1.52 -4.23
C ALA A 57 22.60 2.51 -5.16
N MET A 58 23.38 3.49 -5.63
CA MET A 58 22.82 4.49 -6.50
C MET A 58 23.06 4.03 -7.92
N PRO A 59 22.04 4.14 -8.77
CA PRO A 59 22.18 3.80 -10.16
C PRO A 59 23.32 4.61 -10.69
N THR A 60 24.22 3.98 -11.45
CA THR A 60 25.37 4.66 -12.01
C THR A 60 24.92 5.82 -12.88
N GLY A 61 23.78 5.65 -13.55
CA GLY A 61 23.20 6.72 -14.34
C GLY A 61 23.13 8.00 -13.55
N MET A 62 22.50 7.96 -12.40
CA MET A 62 22.40 9.11 -11.52
C MET A 62 23.74 9.59 -11.00
N ALA A 63 24.67 8.67 -10.76
CA ALA A 63 25.97 9.05 -10.20
C ALA A 63 26.66 9.99 -11.18
N LEU A 64 26.53 9.67 -12.46
CA LEU A 64 27.20 10.41 -13.50
C LEU A 64 26.53 11.76 -13.74
N LYS A 65 25.19 11.78 -13.62
CA LYS A 65 24.46 13.05 -13.73
C LYS A 65 24.84 13.98 -12.56
N LEU A 66 25.15 13.41 -11.39
CA LEU A 66 25.62 14.15 -10.20
C LEU A 66 27.13 14.44 -10.27
N CYS A 67 27.89 13.51 -10.83
CA CYS A 67 29.32 13.68 -10.91
C CYS A 67 29.80 13.16 -12.27
N PRO A 68 29.83 14.05 -13.29
CA PRO A 68 30.25 13.68 -14.64
C PRO A 68 31.71 13.25 -14.81
N HIS A 69 32.61 13.71 -13.97
CA HIS A 69 34.00 13.28 -14.07
C HIS A 69 34.25 11.99 -13.30
N LEU A 70 33.18 11.33 -12.86
CA LEU A 70 33.33 10.12 -12.05
C LEU A 70 34.22 9.13 -12.77
N THR A 71 35.28 8.65 -12.13
CA THR A 71 36.00 7.51 -12.70
C THR A 71 35.37 6.23 -12.18
N LEU A 72 35.02 5.34 -13.10
CA LEU A 72 34.31 4.12 -12.76
C LEU A 72 35.20 2.91 -12.86
N LEU A 73 35.44 2.25 -11.73
CA LEU A 73 36.25 1.02 -11.69
C LEU A 73 35.37 -0.21 -11.58
N PRO A 74 35.81 -1.33 -12.17
CA PRO A 74 34.98 -2.53 -12.17
C PRO A 74 35.09 -3.29 -10.88
N GLY A 75 36.14 -3.06 -10.11
CA GLY A 75 36.34 -3.83 -8.90
C GLY A 75 37.28 -5.02 -9.04
N ARG A 76 38.15 -5.20 -8.05
CA ARG A 76 39.05 -6.35 -7.98
C ARG A 76 38.82 -7.08 -6.66
N PHE A 77 37.91 -8.06 -6.70
CA PHE A 77 37.50 -8.75 -5.49
C PHE A 77 38.57 -9.51 -4.69
N ASP A 78 39.63 -10.01 -5.35
CA ASP A 78 40.63 -10.82 -4.65
C ASP A 78 41.47 -9.87 -3.84
N ALA A 79 41.62 -8.66 -4.34
CA ALA A 79 42.35 -7.66 -3.59
C ALA A 79 41.58 -7.28 -2.31
N TYR A 80 40.25 -7.13 -2.40
CA TYR A 80 39.48 -6.81 -1.19
C TYR A 80 39.52 -7.96 -0.22
N LYS A 81 39.46 -9.16 -0.77
CA LYS A 81 39.42 -10.37 0.02
C LYS A 81 40.71 -10.55 0.80
N GLU A 82 41.84 -10.35 0.10
CA GLU A 82 43.17 -10.34 0.65
C GLU A 82 43.24 -9.39 1.86
N ALA A 83 42.79 -8.15 1.68
CA ALA A 83 42.72 -7.18 2.77
C ALA A 83 41.85 -7.70 3.93
N SER A 84 40.69 -8.26 3.60
CA SER A 84 39.81 -8.78 4.63
C SER A 84 40.47 -9.90 5.44
N ASN A 85 41.16 -10.82 4.77
CA ASN A 85 41.93 -11.88 5.47
C ASN A 85 42.96 -11.32 6.43
N HIS A 86 43.63 -10.26 5.99
CA HIS A 86 44.62 -9.60 6.81
C HIS A 86 44.02 -8.96 8.05
N ILE A 87 42.99 -8.12 7.88
CA ILE A 87 42.37 -7.47 9.05
C ILE A 87 41.78 -8.47 10.04
N ARG A 88 41.33 -9.61 9.56
CA ARG A 88 40.92 -10.65 10.52
C ARG A 88 42.11 -11.34 11.25
N GLU A 89 43.27 -11.42 10.61
CA GLU A 89 44.43 -12.01 11.31
C GLU A 89 44.86 -11.06 12.43
N ILE A 90 44.84 -9.76 12.12
CA ILE A 90 45.05 -8.69 13.10
C ILE A 90 44.07 -8.76 14.27
N PHE A 91 42.77 -8.84 14.02
CA PHE A 91 41.86 -9.00 15.15
C PHE A 91 42.27 -10.20 16.00
N SER A 92 42.62 -11.31 15.36
CA SER A 92 42.87 -12.53 16.13
C SER A 92 44.05 -12.39 17.08
N ARG A 93 44.87 -11.34 16.91
CA ARG A 93 45.99 -11.05 17.83
C ARG A 93 45.44 -10.49 19.14
N TYR A 94 44.16 -10.18 19.18
CA TYR A 94 43.59 -9.51 20.35
C TYR A 94 42.53 -10.33 21.07
N THR A 95 41.84 -11.16 20.32
CA THR A 95 40.85 -12.02 20.91
C THR A 95 40.45 -13.03 19.89
N SER A 96 39.87 -14.13 20.33
CA SER A 96 39.30 -15.07 19.38
C SER A 96 37.78 -14.89 19.26
N ARG A 97 37.21 -13.94 19.98
CA ARG A 97 35.77 -13.67 19.92
C ARG A 97 35.43 -12.69 18.78
N ILE A 98 35.46 -13.18 17.54
CA ILE A 98 35.47 -12.34 16.36
C ILE A 98 34.32 -12.79 15.48
N GLU A 99 33.46 -11.88 15.09
CA GLU A 99 32.30 -12.23 14.28
C GLU A 99 32.32 -11.31 13.09
N PRO A 100 32.90 -11.77 11.98
CA PRO A 100 32.96 -10.98 10.77
C PRO A 100 31.56 -10.81 10.19
N LEU A 101 31.27 -9.64 9.60
CA LEU A 101 29.93 -9.45 9.05
C LEU A 101 29.96 -9.33 7.55
N SER A 102 31.16 -9.21 7.02
CA SER A 102 31.35 -8.96 5.63
C SER A 102 32.86 -8.85 5.51
N LEU A 103 33.36 -8.59 4.31
CA LEU A 103 34.78 -8.39 4.12
C LEU A 103 35.36 -7.39 5.12
N ASP A 104 34.70 -6.23 5.28
CA ASP A 104 35.32 -5.05 5.84
C ASP A 104 34.97 -4.76 7.30
N GLU A 105 34.21 -5.62 7.94
CA GLU A 105 33.54 -5.32 9.22
C GLU A 105 33.64 -6.54 10.13
N ALA A 106 33.74 -6.32 11.43
CA ALA A 106 33.67 -7.41 12.39
C ALA A 106 33.28 -6.89 13.74
N TYR A 107 32.52 -7.68 14.49
CA TYR A 107 32.45 -7.47 15.91
C TYR A 107 33.58 -8.17 16.64
N LEU A 108 34.00 -7.56 17.74
CA LEU A 108 34.91 -8.20 18.69
C LEU A 108 34.35 -8.05 20.09
N ASP A 109 34.30 -9.14 20.86
CA ASP A 109 33.96 -9.06 22.27
C ASP A 109 35.26 -9.10 23.05
N VAL A 110 35.70 -7.96 23.58
CA VAL A 110 36.99 -7.92 24.25
C VAL A 110 36.90 -7.90 25.76
N THR A 111 35.68 -8.03 26.27
CA THR A 111 35.39 -8.06 27.69
C THR A 111 36.50 -8.66 28.57
N ASP A 112 36.93 -9.86 28.20
CA ASP A 112 37.96 -10.57 28.96
C ASP A 112 39.32 -10.48 28.31
N SER A 113 39.63 -9.36 27.67
CA SER A 113 40.96 -9.19 27.16
C SER A 113 41.85 -8.52 28.19
N VAL A 114 42.96 -9.20 28.49
CA VAL A 114 44.00 -8.70 29.40
C VAL A 114 45.04 -7.89 28.60
N HIS A 115 44.71 -7.57 27.35
CA HIS A 115 45.60 -6.83 26.46
C HIS A 115 45.89 -5.41 26.93
N CYS A 116 45.30 -4.40 26.32
CA CYS A 116 45.72 -3.04 26.63
C CYS A 116 45.22 -2.60 28.00
N HIS A 117 45.91 -3.08 29.03
CA HIS A 117 45.45 -3.05 30.42
C HIS A 117 43.96 -3.32 30.54
N GLY A 118 43.38 -3.92 29.52
CA GLY A 118 41.94 -4.23 29.49
C GLY A 118 41.09 -3.07 28.96
N SER A 119 41.74 -2.06 28.38
CA SER A 119 41.05 -0.90 27.84
C SER A 119 40.56 -1.16 26.44
N ALA A 120 39.24 -1.19 26.29
CA ALA A 120 38.59 -1.47 25.02
C ALA A 120 38.87 -0.36 24.02
N THR A 121 39.12 0.83 24.54
CA THR A 121 39.41 1.99 23.72
C THR A 121 40.79 1.91 23.14
N LEU A 122 41.74 1.36 23.89
CA LEU A 122 43.12 1.31 23.44
C LEU A 122 43.28 0.20 22.43
N ILE A 123 42.68 -0.94 22.73
CA ILE A 123 42.63 -2.09 21.83
C ILE A 123 42.13 -1.63 20.44
N ALA A 124 40.99 -0.93 20.42
CA ALA A 124 40.45 -0.33 19.20
C ALA A 124 41.45 0.56 18.48
N GLN A 125 42.04 1.50 19.20
CA GLN A 125 43.01 2.43 18.62
C GLN A 125 44.19 1.65 18.07
N GLU A 126 44.56 0.61 18.82
CA GLU A 126 45.71 -0.20 18.48
C GLU A 126 45.39 -1.13 17.34
N ILE A 127 44.14 -1.52 17.21
CA ILE A 127 43.75 -2.26 16.03
C ILE A 127 43.79 -1.33 14.82
N ARG A 128 43.24 -0.13 14.94
CA ARG A 128 43.14 0.74 13.80
C ARG A 128 44.53 1.10 13.31
N GLN A 129 45.38 1.55 14.23
CA GLN A 129 46.82 1.52 14.03
C GLN A 129 47.23 0.05 14.02
N THR A 130 48.03 -0.34 13.05
CA THR A 130 48.45 -1.74 12.76
C THR A 130 47.69 -2.18 11.54
N ILE A 131 46.37 -1.94 11.46
CA ILE A 131 45.72 -2.00 10.14
C ILE A 131 46.33 -0.95 9.21
N PHE A 132 46.52 0.27 9.70
CA PHE A 132 47.08 1.28 8.82
C PHE A 132 48.56 1.06 8.46
N ASN A 133 49.40 0.78 9.46
CA ASN A 133 50.70 0.16 9.20
C ASN A 133 50.29 -1.23 8.76
N GLU A 134 51.11 -1.95 8.04
CA GLU A 134 50.68 -3.30 7.55
C GLU A 134 49.81 -3.24 6.31
N LEU A 135 48.82 -2.37 6.24
CA LEU A 135 47.91 -2.42 5.08
C LEU A 135 47.74 -1.11 4.32
N GLN A 136 48.06 0.00 4.97
CA GLN A 136 47.88 1.29 4.32
C GLN A 136 46.42 1.55 3.98
N LEU A 137 45.55 1.17 4.91
CA LEU A 137 44.13 1.32 4.76
C LEU A 137 43.74 1.78 6.12
N THR A 138 42.80 2.71 6.18
CA THR A 138 42.36 3.19 7.48
C THR A 138 41.08 2.52 7.86
N ALA A 139 40.86 2.36 9.16
CA ALA A 139 39.63 1.82 9.69
C ALA A 139 39.05 2.73 10.73
N SER A 140 37.76 2.59 10.97
CA SER A 140 37.08 3.31 12.02
C SER A 140 36.53 2.28 13.00
N ALA A 141 36.26 2.69 14.25
CA ALA A 141 35.72 1.73 15.21
C ALA A 141 34.73 2.31 16.19
N GLY A 142 33.96 1.45 16.83
CA GLY A 142 32.90 1.84 17.75
C GLY A 142 33.02 0.97 18.97
N VAL A 143 33.00 1.55 20.15
CA VAL A 143 33.11 0.77 21.35
C VAL A 143 31.89 1.03 22.17
N ALA A 144 31.25 -0.04 22.65
CA ALA A 144 29.99 0.07 23.38
C ALA A 144 29.72 -1.21 24.16
N PRO A 145 28.71 -1.18 25.04
CA PRO A 145 28.42 -2.37 25.83
C PRO A 145 27.68 -3.48 25.06
N VAL A 146 27.12 -3.18 23.88
CA VAL A 146 26.35 -4.14 23.10
C VAL A 146 26.64 -3.97 21.62
N LYS A 147 26.28 -4.99 20.85
CA LYS A 147 26.51 -5.00 19.41
C LYS A 147 26.05 -3.77 18.65
N PHE A 148 24.78 -3.39 18.76
CA PHE A 148 24.25 -2.39 17.82
C PHE A 148 24.75 -0.97 18.06
N LEU A 149 24.99 -0.66 19.33
CA LEU A 149 25.54 0.60 19.74
C LEU A 149 26.96 0.71 19.31
N ALA A 150 27.68 -0.41 19.25
CA ALA A 150 29.05 -0.39 18.80
C ALA A 150 29.08 -0.10 17.31
N LYS A 151 28.11 -0.66 16.60
CA LYS A 151 27.94 -0.45 15.18
C LYS A 151 27.59 0.99 14.88
N ILE A 152 26.57 1.54 15.54
CA ILE A 152 26.28 2.93 15.36
C ILE A 152 27.50 3.81 15.70
N ALA A 153 28.20 3.50 16.77
CA ALA A 153 29.41 4.23 17.12
C ALA A 153 30.47 4.24 16.01
N SER A 154 30.56 3.18 15.25
CA SER A 154 31.66 3.11 14.31
C SER A 154 31.43 4.09 13.16
N ASP A 155 30.19 4.49 12.91
CA ASP A 155 29.90 5.48 11.89
C ASP A 155 30.08 6.92 12.33
N MET A 156 30.22 7.12 13.63
CA MET A 156 30.12 8.45 14.16
C MET A 156 31.36 9.28 14.00
N ASN A 157 32.50 8.61 13.86
CA ASN A 157 33.72 9.34 13.77
C ASN A 157 34.59 8.95 12.57
N LYS A 158 33.94 8.57 11.48
CA LYS A 158 34.65 8.12 10.33
C LYS A 158 34.81 9.28 9.34
N PRO A 159 35.85 9.25 8.48
CA PRO A 159 36.89 8.22 8.39
C PRO A 159 37.96 8.36 9.45
N ASN A 160 38.74 7.29 9.58
CA ASN A 160 39.90 7.22 10.45
C ASN A 160 39.68 7.78 11.84
N GLY A 161 38.70 7.23 12.56
CA GLY A 161 38.42 7.70 13.88
C GLY A 161 37.67 6.62 14.59
N GLN A 162 37.37 6.87 15.86
CA GLN A 162 36.52 5.98 16.59
C GLN A 162 35.65 6.72 17.58
N PHE A 163 34.74 5.99 18.21
CA PHE A 163 33.79 6.59 19.11
C PHE A 163 33.38 5.60 20.16
N VAL A 164 33.45 6.03 21.42
CA VAL A 164 33.18 5.17 22.57
C VAL A 164 31.85 5.56 23.19
N ILE A 165 31.02 4.58 23.54
CA ILE A 165 29.82 4.84 24.34
C ILE A 165 29.89 3.98 25.63
N THR A 166 29.85 4.65 26.79
CA THR A 166 29.82 3.99 28.08
C THR A 166 28.37 3.85 28.58
N PRO A 167 28.11 2.90 29.50
CA PRO A 167 26.75 2.60 29.98
C PRO A 167 26.08 3.86 30.48
N ALA A 168 26.88 4.76 31.03
CA ALA A 168 26.41 6.04 31.56
C ALA A 168 25.92 7.02 30.46
N GLU A 169 26.61 7.04 29.32
CA GLU A 169 26.17 7.82 28.16
C GLU A 169 24.96 7.21 27.43
N VAL A 170 24.59 5.96 27.76
CA VAL A 170 23.58 5.26 26.95
C VAL A 170 22.22 5.93 26.88
N PRO A 171 21.64 6.26 28.03
CA PRO A 171 20.32 6.89 28.03
C PRO A 171 20.26 8.22 27.25
N ALA A 172 21.22 9.11 27.47
CA ALA A 172 21.27 10.34 26.68
C ALA A 172 21.49 10.01 25.19
N PHE A 173 22.34 9.04 24.90
CA PHE A 173 22.57 8.68 23.51
C PHE A 173 21.28 8.23 22.84
N LEU A 174 20.44 7.51 23.56
CA LEU A 174 19.26 6.94 22.92
C LEU A 174 18.15 7.96 22.70
N GLN A 175 18.03 8.93 23.61
CA GLN A 175 16.87 9.85 23.65
C GLN A 175 16.58 10.34 22.27
N THR A 176 17.66 10.68 21.57
CA THR A 176 17.58 11.33 20.26
C THR A 176 17.99 10.44 19.10
N LEU A 177 18.47 9.25 19.38
CA LEU A 177 18.78 8.30 18.32
C LEU A 177 17.58 8.06 17.39
N PRO A 178 17.69 8.44 16.11
CA PRO A 178 16.59 8.03 15.20
C PRO A 178 16.53 6.52 15.01
N LEU A 179 15.32 5.97 15.01
CA LEU A 179 15.10 4.55 14.74
C LEU A 179 15.82 4.10 13.46
N ALA A 180 15.84 4.95 12.45
CA ALA A 180 16.48 4.58 11.19
C ALA A 180 17.98 4.21 11.32
N LYS A 181 18.61 4.58 12.43
CA LYS A 181 20.01 4.25 12.63
C LYS A 181 20.19 2.89 13.28
N ILE A 182 19.11 2.32 13.78
CA ILE A 182 19.15 0.97 14.28
C ILE A 182 19.40 0.00 13.12
N PRO A 183 20.37 -0.91 13.27
CA PRO A 183 20.56 -1.86 12.19
C PRO A 183 19.38 -2.81 12.12
N GLY A 184 18.86 -3.01 10.92
CA GLY A 184 17.64 -3.77 10.75
C GLY A 184 16.40 -2.90 10.55
N VAL A 185 16.49 -1.61 10.84
CA VAL A 185 15.43 -0.70 10.47
C VAL A 185 15.88 0.06 9.23
N GLY A 186 15.29 -0.30 8.08
CA GLY A 186 15.50 0.43 6.82
C GLY A 186 14.32 1.32 6.40
N LYS A 187 14.26 1.68 5.10
CA LYS A 187 13.30 2.64 4.58
C LYS A 187 11.85 2.32 4.96
N VAL A 188 11.43 1.09 4.72
CA VAL A 188 10.04 0.72 4.89
C VAL A 188 9.66 0.79 6.36
N SER A 189 10.29 -0.02 7.19
CA SER A 189 10.14 0.12 8.63
C SER A 189 10.19 1.55 9.16
N ALA A 190 11.22 2.31 8.83
CA ALA A 190 11.31 3.70 9.31
C ALA A 190 10.06 4.46 8.94
N ALA A 191 9.57 4.29 7.71
CA ALA A 191 8.37 5.00 7.25
C ALA A 191 7.10 4.55 7.96
N LYS A 192 6.95 3.26 8.21
CA LYS A 192 5.81 2.82 9.00
C LYS A 192 5.89 3.44 10.39
N LEU A 193 7.09 3.44 10.98
CA LEU A 193 7.26 3.95 12.34
C LEU A 193 6.98 5.46 12.43
N GLU A 194 7.52 6.21 11.46
CA GLU A 194 7.35 7.63 11.33
C GLU A 194 5.91 7.97 11.03
N ALA A 195 5.22 7.06 10.34
CA ALA A 195 3.80 7.24 10.06
C ALA A 195 2.98 7.26 11.35
N MET A 196 3.52 6.70 12.42
CA MET A 196 2.84 6.76 13.73
C MET A 196 3.55 7.61 14.79
N GLY A 197 4.31 8.60 14.33
CA GLY A 197 4.87 9.59 15.27
C GLY A 197 6.05 9.04 16.03
N LEU A 198 6.58 7.92 15.56
CA LEU A 198 7.76 7.30 16.13
C LEU A 198 9.04 7.62 15.29
N ARG A 199 9.85 8.57 15.74
CA ARG A 199 11.08 8.90 15.00
C ARG A 199 12.35 8.46 15.71
N THR A 200 12.37 8.59 17.03
CA THR A 200 13.55 8.27 17.84
C THR A 200 13.34 7.08 18.77
N CYS A 201 14.41 6.55 19.32
CA CYS A 201 14.28 5.57 20.40
C CYS A 201 13.51 6.12 21.59
N GLY A 202 13.73 7.41 21.87
CA GLY A 202 12.97 8.12 22.89
C GLY A 202 11.47 8.08 22.69
N ASP A 203 11.01 8.09 21.44
CA ASP A 203 9.58 7.98 21.17
C ASP A 203 9.15 6.56 21.51
N VAL A 204 10.05 5.60 21.35
CA VAL A 204 9.64 4.20 21.47
C VAL A 204 9.64 3.83 22.92
N GLN A 205 10.58 4.37 23.68
CA GLN A 205 10.55 4.21 25.13
C GLN A 205 9.12 4.43 25.65
N LYS A 206 8.43 5.41 25.10
CA LYS A 206 7.12 5.80 25.62
C LYS A 206 5.98 4.83 25.19
N CYS A 207 6.28 3.83 24.37
CA CYS A 207 5.21 2.97 23.78
C CYS A 207 4.99 1.70 24.55
N ASP A 208 3.87 1.07 24.28
CA ASP A 208 3.51 -0.18 24.92
C ASP A 208 4.05 -1.37 24.14
N LEU A 209 4.61 -2.33 24.85
CA LEU A 209 5.27 -3.46 24.22
C LEU A 209 4.26 -4.37 23.57
N VAL A 210 3.09 -4.51 24.19
CA VAL A 210 2.06 -5.42 23.66
C VAL A 210 1.58 -4.98 22.28
N MET A 211 1.41 -3.69 22.10
CA MET A 211 0.86 -3.13 20.86
C MET A 211 1.92 -3.28 19.79
N LEU A 212 3.17 -3.03 20.19
CA LEU A 212 4.33 -3.21 19.35
C LEU A 212 4.54 -4.61 18.82
N LEU A 213 4.32 -5.64 19.63
CA LEU A 213 4.39 -7.02 19.11
C LEU A 213 3.19 -7.29 18.20
N LYS A 214 2.04 -6.73 18.56
CA LYS A 214 0.84 -6.91 17.76
C LYS A 214 1.03 -6.33 16.37
N ARG A 215 1.62 -5.17 16.26
CA ARG A 215 1.76 -4.54 14.95
C ARG A 215 3.06 -4.87 14.19
N PHE A 216 3.94 -5.72 14.74
CA PHE A 216 5.22 -6.03 14.09
C PHE A 216 5.76 -7.41 14.41
N GLY A 217 5.11 -8.14 15.30
CA GLY A 217 5.64 -9.43 15.77
C GLY A 217 7.03 -9.30 16.39
N LYS A 218 7.90 -10.30 16.16
CA LYS A 218 9.27 -10.26 16.71
C LYS A 218 10.05 -8.95 16.45
N PHE A 219 9.81 -8.31 15.33
CA PHE A 219 10.53 -7.07 15.04
C PHE A 219 10.25 -6.00 16.13
N GLY A 220 8.99 -5.92 16.59
CA GLY A 220 8.55 -4.94 17.56
C GLY A 220 9.18 -5.17 18.94
N ARG A 221 9.44 -6.43 19.27
CA ARG A 221 10.23 -6.71 20.46
C ARG A 221 11.64 -6.12 20.32
N ILE A 222 12.28 -6.44 19.22
CA ILE A 222 13.61 -5.95 18.96
C ILE A 222 13.64 -4.39 19.00
N LEU A 223 12.63 -3.77 18.41
CA LEU A 223 12.56 -2.34 18.43
C LEU A 223 12.43 -1.82 19.85
N TRP A 224 11.52 -2.42 20.60
CA TRP A 224 11.31 -2.06 22.01
C TRP A 224 12.64 -2.26 22.81
N GLU A 225 13.28 -3.41 22.64
CA GLU A 225 14.55 -3.64 23.31
C GLU A 225 15.63 -2.62 22.96
N ARG A 226 15.85 -2.41 21.68
CA ARG A 226 17.03 -1.62 21.28
C ARG A 226 16.82 -0.15 21.65
N SER A 227 15.57 0.29 21.53
CA SER A 227 15.20 1.58 22.08
C SER A 227 15.57 1.75 23.53
N GLN A 228 15.97 0.67 24.19
CA GLN A 228 16.34 0.78 25.59
C GLN A 228 17.79 0.52 25.89
N GLY A 229 18.58 0.37 24.84
CA GLY A 229 19.94 -0.06 24.99
C GLY A 229 20.10 -1.57 25.16
N ILE A 230 19.01 -2.32 25.10
CA ILE A 230 19.08 -3.77 25.35
C ILE A 230 19.41 -4.51 24.08
N ASP A 231 20.49 -5.30 24.12
CA ASP A 231 20.92 -6.13 23.00
C ASP A 231 21.75 -7.30 23.48
N GLU A 232 21.09 -8.41 23.82
CA GLU A 232 21.77 -9.56 24.43
C GLU A 232 22.45 -10.55 23.45
N ARG A 233 22.49 -10.21 22.15
CA ARG A 233 23.12 -11.03 21.11
C ARG A 233 24.64 -11.15 21.35
N ASP A 234 25.13 -12.38 21.35
CA ASP A 234 26.52 -12.67 21.66
C ASP A 234 27.39 -12.56 20.43
N VAL A 235 28.65 -12.15 20.59
CA VAL A 235 29.59 -12.20 19.47
C VAL A 235 29.83 -13.68 19.19
N ASN A 236 29.59 -14.12 17.95
CA ASN A 236 29.50 -15.54 17.63
C ASN A 236 30.80 -16.23 17.22
N SER A 237 31.36 -15.84 16.11
CA SER A 237 32.63 -16.48 15.68
C SER A 237 32.53 -17.87 15.11
N GLU A 238 31.38 -18.53 15.23
CA GLU A 238 31.21 -19.85 14.56
C GLU A 238 30.25 -19.89 13.34
N ARG A 239 29.98 -18.75 12.69
CA ARG A 239 28.98 -18.74 11.61
C ARG A 239 29.50 -19.28 10.31
N LEU A 240 28.64 -19.95 9.57
CA LEU A 240 29.02 -20.51 8.28
C LEU A 240 28.14 -20.01 7.12
N ARG A 241 28.74 -19.83 5.94
CA ARG A 241 27.99 -19.55 4.72
C ARG A 241 26.84 -20.56 4.52
N LYS A 242 25.67 -20.10 4.10
CA LYS A 242 24.54 -21.01 4.02
C LYS A 242 24.11 -21.30 2.61
N SER A 243 24.54 -20.45 1.70
CA SER A 243 24.02 -20.48 0.36
C SER A 243 25.07 -19.87 -0.53
N VAL A 244 24.97 -20.09 -1.83
CA VAL A 244 25.76 -19.42 -2.84
C VAL A 244 24.94 -19.19 -4.09
N GLY A 245 25.05 -18.00 -4.65
CA GLY A 245 24.30 -17.71 -5.85
C GLY A 245 25.07 -16.89 -6.86
N VAL A 246 24.68 -17.02 -8.12
CA VAL A 246 25.25 -16.28 -9.23
C VAL A 246 24.12 -15.71 -10.06
N GLU A 247 24.12 -14.39 -10.24
CA GLU A 247 23.07 -13.72 -11.04
C GLU A 247 23.61 -12.60 -11.92
N ARG A 248 22.95 -12.36 -13.03
CA ARG A 248 23.38 -11.35 -13.97
C ARG A 248 22.17 -10.56 -14.45
N THR A 249 22.33 -9.25 -14.55
CA THR A 249 21.29 -8.38 -15.11
C THR A 249 21.75 -7.99 -16.51
N MET A 250 20.91 -8.27 -17.49
CA MET A 250 21.20 -7.95 -18.88
C MET A 250 21.16 -6.45 -19.16
N ALA A 251 22.05 -5.98 -20.04
CA ALA A 251 21.93 -4.63 -20.59
C ALA A 251 20.50 -4.38 -21.16
N GLU A 252 19.93 -5.36 -21.86
CA GLU A 252 18.55 -5.23 -22.36
C GLU A 252 17.69 -6.41 -21.92
N ASP A 253 16.42 -6.14 -21.61
CA ASP A 253 15.49 -7.21 -21.19
C ASP A 253 15.42 -8.26 -22.30
N ILE A 254 15.42 -9.53 -21.91
CA ILE A 254 15.30 -10.60 -22.91
C ILE A 254 13.85 -11.05 -23.10
N HIS A 255 13.51 -11.58 -24.28
CA HIS A 255 12.14 -12.01 -24.53
C HIS A 255 12.06 -13.43 -25.06
N HIS A 256 13.20 -14.10 -25.19
CA HIS A 256 13.19 -15.45 -25.76
C HIS A 256 13.89 -16.42 -24.83
N TRP A 257 13.35 -17.64 -24.75
CA TRP A 257 13.98 -18.67 -23.94
C TRP A 257 15.40 -19.04 -24.42
N SER A 258 15.66 -19.08 -25.72
CA SER A 258 17.03 -19.27 -26.21
C SER A 258 18.01 -18.33 -25.51
N GLU A 259 17.65 -17.04 -25.42
CA GLU A 259 18.47 -16.10 -24.70
C GLU A 259 18.69 -16.46 -23.22
N CYS A 260 17.63 -16.89 -22.56
CA CYS A 260 17.71 -17.24 -21.17
C CYS A 260 18.65 -18.42 -21.02
N GLU A 261 18.46 -19.41 -21.87
CA GLU A 261 19.29 -20.59 -21.85
C GLU A 261 20.76 -20.24 -22.05
N ALA A 262 21.03 -19.33 -22.98
CA ALA A 262 22.39 -18.94 -23.26
C ALA A 262 23.01 -18.27 -22.01
N ILE A 263 22.20 -17.51 -21.26
CA ILE A 263 22.70 -16.88 -20.06
C ILE A 263 23.07 -17.96 -19.08
N ILE A 264 22.14 -18.91 -18.89
CA ILE A 264 22.40 -19.98 -17.95
C ILE A 264 23.70 -20.75 -18.25
N GLU A 265 24.04 -20.92 -19.53
CA GLU A 265 25.26 -21.64 -19.92
C GLU A 265 26.53 -20.96 -19.41
N ARG A 266 26.49 -19.64 -19.30
CA ARG A 266 27.61 -18.90 -18.78
C ARG A 266 27.60 -18.77 -17.29
N LEU A 267 26.43 -18.76 -16.71
CA LEU A 267 26.32 -18.66 -15.26
C LEU A 267 26.81 -19.93 -14.60
N TYR A 268 26.50 -21.08 -15.21
CA TYR A 268 26.75 -22.35 -14.55
C TYR A 268 28.25 -22.62 -14.17
N PRO A 269 29.17 -22.51 -15.14
CA PRO A 269 30.60 -22.69 -14.82
C PRO A 269 31.05 -21.84 -13.63
N GLU A 270 30.50 -20.63 -13.52
CA GLU A 270 30.89 -19.70 -12.48
C GLU A 270 30.38 -20.18 -11.11
N LEU A 271 29.16 -20.69 -11.10
CA LEU A 271 28.64 -21.25 -9.91
C LEU A 271 29.37 -22.56 -9.53
N GLU A 272 29.67 -23.40 -10.51
CA GLU A 272 30.45 -24.61 -10.22
C GLU A 272 31.78 -24.29 -9.54
N ARG A 273 32.51 -23.32 -10.08
CA ARG A 273 33.83 -22.93 -9.58
C ARG A 273 33.77 -22.43 -8.16
N ARG A 274 32.72 -21.65 -7.86
CA ARG A 274 32.67 -21.02 -6.58
C ARG A 274 32.27 -22.04 -5.50
N LEU A 275 31.38 -22.95 -5.89
CA LEU A 275 31.00 -24.05 -5.03
C LEU A 275 32.15 -25.06 -4.84
N ALA A 276 32.84 -25.40 -5.92
CA ALA A 276 33.96 -26.34 -5.82
C ALA A 276 34.93 -25.89 -4.73
N LYS A 277 35.13 -24.58 -4.57
CA LYS A 277 36.05 -24.06 -3.57
C LYS A 277 35.75 -24.44 -2.15
N VAL A 278 34.49 -24.64 -1.83
CA VAL A 278 34.06 -24.87 -0.48
C VAL A 278 33.49 -26.30 -0.36
N LYS A 279 32.96 -26.84 -1.46
CA LYS A 279 32.48 -28.22 -1.52
C LYS A 279 32.90 -28.87 -2.83
N PRO A 280 34.11 -29.47 -2.81
CA PRO A 280 34.69 -30.19 -3.94
C PRO A 280 33.77 -31.22 -4.61
N ASP A 281 32.99 -31.95 -3.83
CA ASP A 281 32.16 -33.02 -4.40
C ASP A 281 30.84 -32.45 -4.91
N LEU A 282 30.65 -31.16 -4.70
CA LEU A 282 29.50 -30.38 -5.19
C LEU A 282 28.20 -30.74 -4.53
N LEU A 283 28.27 -31.43 -3.39
CA LEU A 283 27.07 -31.89 -2.69
C LEU A 283 26.32 -30.75 -1.99
N ILE A 284 25.01 -30.69 -2.16
CA ILE A 284 24.20 -29.52 -1.70
C ILE A 284 22.83 -29.90 -1.13
N ALA A 285 22.14 -28.96 -0.52
CA ALA A 285 20.79 -29.26 -0.02
C ALA A 285 19.64 -28.97 -1.02
N ARG A 286 19.71 -27.82 -1.68
CA ARG A 286 18.69 -27.31 -2.57
C ARG A 286 19.41 -26.59 -3.70
N GLN A 287 18.87 -26.65 -4.92
CA GLN A 287 19.32 -25.79 -6.02
C GLN A 287 18.09 -25.19 -6.70
N GLY A 288 18.25 -24.08 -7.42
CA GLY A 288 17.13 -23.35 -7.99
C GLY A 288 17.63 -22.18 -8.81
N VAL A 289 16.69 -21.41 -9.33
CA VAL A 289 16.97 -20.37 -10.28
C VAL A 289 16.17 -19.12 -9.91
N LYS A 290 16.40 -18.05 -10.66
CA LYS A 290 15.81 -16.78 -10.32
C LYS A 290 15.59 -15.99 -11.58
N LEU A 291 14.39 -15.43 -11.75
CA LEU A 291 14.11 -14.53 -12.85
C LEU A 291 13.57 -13.26 -12.29
N LYS A 292 13.98 -12.14 -12.88
CA LYS A 292 13.37 -10.89 -12.48
C LYS A 292 12.86 -10.18 -13.71
N PHE A 293 11.58 -9.83 -13.68
CA PHE A 293 10.91 -9.31 -14.87
C PHE A 293 10.98 -7.81 -15.00
N ASP A 294 10.48 -7.26 -16.13
CA ASP A 294 10.47 -5.79 -16.35
C ASP A 294 9.63 -5.01 -15.35
N ASP A 295 8.68 -5.69 -14.69
CA ASP A 295 7.95 -5.02 -13.60
C ASP A 295 8.65 -5.21 -12.27
N PHE A 296 9.94 -5.60 -12.36
CA PHE A 296 10.81 -5.85 -11.20
C PHE A 296 10.28 -6.86 -10.26
N GLN A 297 9.21 -7.57 -10.63
CA GLN A 297 8.82 -8.67 -9.80
C GLN A 297 9.89 -9.73 -9.99
N GLN A 298 10.28 -10.36 -8.91
CA GLN A 298 11.28 -11.37 -8.95
C GLN A 298 10.66 -12.67 -8.47
N THR A 299 10.97 -13.77 -9.14
CA THR A 299 10.49 -15.06 -8.72
C THR A 299 11.68 -16.02 -8.58
N THR A 300 11.57 -16.93 -7.63
CA THR A 300 12.59 -17.93 -7.47
C THR A 300 11.86 -19.26 -7.47
N GLN A 301 12.46 -20.31 -8.04
CA GLN A 301 12.09 -21.64 -7.63
C GLN A 301 13.26 -22.52 -7.35
N GLU A 302 13.18 -23.19 -6.22
CA GLU A 302 14.27 -23.93 -5.67
C GLU A 302 13.66 -25.20 -5.19
N HIS A 303 14.39 -26.30 -5.20
CA HIS A 303 13.87 -27.57 -4.65
C HIS A 303 15.01 -28.38 -4.05
N VAL A 304 14.72 -29.29 -3.11
CA VAL A 304 15.68 -30.31 -2.68
C VAL A 304 16.42 -30.92 -3.86
N TRP A 305 17.74 -31.06 -3.76
CA TRP A 305 18.51 -31.60 -4.86
C TRP A 305 19.91 -31.92 -4.34
N PRO A 306 20.41 -33.13 -4.63
CA PRO A 306 21.60 -33.61 -3.90
C PRO A 306 22.95 -33.05 -4.38
N ARG A 307 23.05 -32.60 -5.63
CA ARG A 307 24.32 -32.16 -6.18
C ARG A 307 24.14 -31.16 -7.28
N LEU A 308 24.92 -30.09 -7.26
CA LEU A 308 24.89 -29.12 -8.38
C LEU A 308 24.75 -29.81 -9.71
N ASN A 309 23.80 -29.34 -10.51
CA ASN A 309 23.50 -29.99 -11.80
C ASN A 309 22.89 -29.07 -12.86
N LYS A 310 23.65 -28.87 -13.93
CA LYS A 310 23.30 -27.89 -14.94
C LYS A 310 21.92 -28.15 -15.58
N ALA A 311 21.67 -29.39 -15.98
CA ALA A 311 20.53 -29.67 -16.80
C ALA A 311 19.25 -29.37 -16.00
N ASP A 312 19.26 -29.77 -14.72
CA ASP A 312 18.12 -29.51 -13.87
C ASP A 312 17.91 -28.02 -13.62
N LEU A 313 18.97 -27.24 -13.60
CA LEU A 313 18.78 -25.84 -13.44
C LEU A 313 18.15 -25.23 -14.68
N ILE A 314 18.62 -25.64 -15.85
CA ILE A 314 17.98 -25.26 -17.10
C ILE A 314 16.48 -25.70 -17.19
N ALA A 315 16.17 -26.92 -16.79
CA ALA A 315 14.81 -27.40 -16.95
C ALA A 315 13.91 -26.59 -16.01
N THR A 316 14.44 -26.30 -14.81
CA THR A 316 13.74 -25.54 -13.81
C THR A 316 13.57 -24.13 -14.33
N ALA A 317 14.57 -23.62 -15.02
CA ALA A 317 14.43 -22.27 -15.54
C ALA A 317 13.36 -22.21 -16.67
N ARG A 318 13.25 -23.28 -17.45
CA ARG A 318 12.32 -23.32 -18.53
C ARG A 318 10.88 -23.32 -17.99
N LYS A 319 10.61 -24.18 -16.99
CA LYS A 319 9.36 -24.21 -16.29
C LYS A 319 9.01 -22.80 -15.78
N THR A 320 9.95 -22.17 -15.05
CA THR A 320 9.72 -20.86 -14.51
C THR A 320 9.39 -19.88 -15.61
N TRP A 321 10.25 -19.81 -16.61
CA TRP A 321 10.02 -19.02 -17.81
C TRP A 321 8.60 -19.24 -18.33
N ASP A 322 8.21 -20.49 -18.48
CA ASP A 322 6.99 -20.76 -19.21
C ASP A 322 5.78 -20.49 -18.29
N GLU A 323 5.96 -20.70 -16.99
CA GLU A 323 4.82 -20.69 -16.09
C GLU A 323 4.61 -19.34 -15.47
N ARG A 324 5.66 -18.55 -15.33
CA ARG A 324 5.48 -17.29 -14.66
C ARG A 324 6.16 -16.13 -15.28
N ARG A 325 6.08 -15.95 -16.57
CA ARG A 325 6.65 -14.76 -17.17
C ARG A 325 5.49 -13.89 -17.72
N GLY A 326 4.40 -14.57 -18.11
CA GLY A 326 3.24 -13.87 -18.66
C GLY A 326 3.63 -12.77 -19.62
N GLY A 327 4.58 -13.08 -20.52
CA GLY A 327 4.93 -12.21 -21.63
C GLY A 327 5.70 -10.98 -21.22
N ARG A 328 6.05 -10.87 -19.94
CA ARG A 328 6.93 -9.76 -19.47
C ARG A 328 8.37 -9.92 -19.99
N GLY A 329 9.09 -8.82 -20.18
CA GLY A 329 10.49 -8.90 -20.50
C GLY A 329 11.26 -9.29 -19.24
N VAL A 330 12.50 -9.76 -19.41
CA VAL A 330 13.24 -10.35 -18.31
C VAL A 330 14.56 -9.64 -18.19
N ARG A 331 14.84 -9.09 -17.00
CA ARG A 331 16.06 -8.32 -16.84
C ARG A 331 17.20 -9.08 -16.21
N LEU A 332 16.90 -10.21 -15.56
CA LEU A 332 17.86 -10.87 -14.71
C LEU A 332 17.54 -12.34 -14.67
N VAL A 333 18.61 -13.16 -14.77
CA VAL A 333 18.57 -14.59 -14.57
C VAL A 333 19.61 -14.95 -13.50
N GLY A 334 19.22 -15.83 -12.59
CA GLY A 334 20.12 -16.23 -11.51
C GLY A 334 20.07 -17.72 -11.21
N LEU A 335 21.18 -18.24 -10.71
CA LEU A 335 21.30 -19.61 -10.24
C LEU A 335 21.64 -19.58 -8.76
N HIS A 336 21.26 -20.62 -8.06
CA HIS A 336 21.36 -20.58 -6.62
C HIS A 336 21.44 -21.99 -6.04
N VAL A 337 22.09 -22.08 -4.89
CA VAL A 337 22.28 -23.35 -4.22
C VAL A 337 22.11 -23.09 -2.74
N THR A 338 21.46 -24.01 -2.03
CA THR A 338 21.47 -23.96 -0.58
C THR A 338 22.45 -25.03 -0.08
N LEU A 339 23.40 -24.63 0.74
CA LEU A 339 24.42 -25.55 1.20
C LEU A 339 23.80 -26.51 2.19
N LEU A 340 24.40 -27.70 2.30
CA LEU A 340 24.05 -28.64 3.34
C LEU A 340 24.28 -28.01 4.73
N ASP A 341 23.65 -28.62 5.72
CA ASP A 341 23.44 -28.05 7.03
C ASP A 341 24.62 -27.99 7.93
N PRO A 342 25.40 -29.08 8.02
CA PRO A 342 26.24 -28.99 9.23
C PRO A 342 27.03 -27.67 9.20
N GLY B 1 -57.26 -0.41 2.33
CA GLY B 1 -56.03 -0.66 3.17
C GLY B 1 -54.72 -0.24 2.51
N SER B 2 -54.37 1.03 2.65
CA SER B 2 -53.20 1.62 1.97
C SER B 2 -52.11 2.13 2.91
N ARG B 3 -50.86 1.75 2.62
CA ARG B 3 -49.68 2.22 3.38
C ARG B 3 -49.37 3.71 3.16
N LYS B 4 -48.74 4.35 4.15
CA LYS B 4 -48.22 5.69 3.98
C LYS B 4 -46.69 5.73 4.11
N ILE B 5 -46.01 6.04 3.00
CA ILE B 5 -44.54 6.02 2.98
C ILE B 5 -43.93 7.36 2.56
N ILE B 6 -42.92 7.78 3.32
CA ILE B 6 -42.22 8.98 2.96
C ILE B 6 -40.77 8.74 2.70
N HIS B 7 -40.31 9.36 1.63
CA HIS B 7 -38.91 9.36 1.33
C HIS B 7 -38.40 10.78 1.48
N VAL B 8 -37.36 10.92 2.33
CA VAL B 8 -36.71 12.20 2.62
C VAL B 8 -35.32 12.21 1.98
N ASP B 9 -35.01 13.29 1.28
CA ASP B 9 -33.79 13.40 0.51
C ASP B 9 -33.27 14.81 0.77
N MET B 10 -32.04 14.92 1.25
CA MET B 10 -31.45 16.22 1.51
C MET B 10 -31.14 16.91 0.18
N ASP B 11 -31.21 18.23 0.17
CA ASP B 11 -30.87 18.96 -1.03
C ASP B 11 -29.36 19.27 -1.16
N CYS B 12 -28.75 18.86 -2.27
CA CYS B 12 -27.31 19.02 -2.52
C CYS B 12 -26.47 18.71 -1.27
N PHE B 13 -26.67 17.51 -0.71
CA PHE B 13 -26.25 17.26 0.66
C PHE B 13 -24.89 17.87 0.98
N PHE B 14 -23.83 17.34 0.37
CA PHE B 14 -22.46 17.77 0.68
C PHE B 14 -22.35 19.27 0.44
N ALA B 15 -22.78 19.71 -0.74
CA ALA B 15 -22.66 21.11 -1.11
C ALA B 15 -23.39 22.04 -0.13
N ALA B 16 -24.55 21.60 0.37
CA ALA B 16 -25.33 22.45 1.29
C ALA B 16 -24.60 22.59 2.64
N VAL B 17 -24.12 21.47 3.15
CA VAL B 17 -23.40 21.46 4.42
C VAL B 17 -22.26 22.49 4.38
N GLU B 18 -21.43 22.40 3.34
CA GLU B 18 -20.41 23.41 3.08
C GLU B 18 -20.99 24.84 3.03
N MET B 19 -22.07 25.05 2.29
CA MET B 19 -22.64 26.40 2.15
C MET B 19 -23.06 26.98 3.48
N ARG B 20 -23.66 26.13 4.30
CA ARG B 20 -24.13 26.51 5.62
C ARG B 20 -22.92 26.98 6.45
N ASP B 21 -21.79 26.32 6.28
CA ASP B 21 -20.61 26.66 7.07
C ASP B 21 -19.67 27.66 6.42
N ASN B 22 -19.90 27.98 5.14
CA ASN B 22 -19.15 29.06 4.51
C ASN B 22 -20.07 29.85 3.59
N PRO B 23 -20.77 30.85 4.17
CA PRO B 23 -21.87 31.56 3.53
C PRO B 23 -21.49 32.13 2.16
N ALA B 24 -20.22 32.44 1.95
CA ALA B 24 -19.80 33.10 0.71
C ALA B 24 -19.69 32.12 -0.46
N LEU B 25 -19.95 30.85 -0.19
CA LEU B 25 -20.00 29.85 -1.25
C LEU B 25 -21.41 29.81 -1.87
N ARG B 26 -22.36 30.44 -1.18
CA ARG B 26 -23.77 30.26 -1.47
C ARG B 26 -24.19 30.58 -2.89
N ASP B 27 -23.64 31.66 -3.46
CA ASP B 27 -24.12 32.12 -4.77
C ASP B 27 -23.18 31.90 -5.94
N ILE B 28 -22.04 31.24 -5.63
CA ILE B 28 -21.05 30.92 -6.64
C ILE B 28 -21.09 29.43 -6.94
N PRO B 29 -20.64 29.03 -8.14
CA PRO B 29 -20.60 27.61 -8.50
C PRO B 29 -19.57 26.88 -7.66
N ILE B 30 -20.01 25.91 -6.86
CA ILE B 30 -19.12 25.14 -6.01
C ILE B 30 -19.38 23.67 -6.23
N ALA B 31 -18.44 22.82 -5.82
CA ALA B 31 -18.55 21.36 -5.98
C ALA B 31 -17.60 20.63 -5.06
N ILE B 32 -18.01 19.45 -4.59
CA ILE B 32 -17.14 18.59 -3.80
C ILE B 32 -16.67 17.53 -4.73
N GLY B 33 -15.34 17.40 -4.85
CA GLY B 33 -14.71 16.48 -5.79
C GLY B 33 -13.18 16.42 -5.71
N GLY B 34 -12.58 15.44 -6.39
CA GLY B 34 -11.12 15.37 -6.49
C GLY B 34 -10.61 16.28 -7.59
N SER B 35 -9.39 16.77 -7.44
CA SER B 35 -8.77 17.60 -8.45
C SER B 35 -8.51 16.80 -9.73
N ARG B 36 -8.41 17.50 -10.86
CA ARG B 36 -7.90 16.91 -12.09
C ARG B 36 -6.60 16.15 -11.80
N GLU B 37 -5.61 16.89 -11.26
CA GLU B 37 -4.38 16.39 -10.63
C GLU B 37 -4.58 14.97 -10.11
N ARG B 38 -5.59 14.76 -9.27
CA ARG B 38 -5.85 13.45 -8.68
C ARG B 38 -6.84 12.57 -9.45
N ARG B 39 -7.09 12.92 -10.71
CA ARG B 39 -7.83 12.06 -11.62
C ARG B 39 -9.18 11.82 -11.00
N GLY B 40 -9.75 12.86 -10.43
CA GLY B 40 -10.97 12.68 -9.65
C GLY B 40 -12.25 13.02 -10.40
N VAL B 41 -13.37 12.92 -9.68
CA VAL B 41 -14.68 13.34 -10.23
C VAL B 41 -15.41 14.19 -9.21
N ILE B 42 -16.60 14.64 -9.61
CA ILE B 42 -17.46 15.47 -8.79
C ILE B 42 -18.37 14.56 -8.00
N SER B 43 -18.47 14.73 -6.69
CA SER B 43 -19.44 14.01 -5.83
C SER B 43 -20.83 14.66 -5.96
N THR B 44 -20.85 16.07 -5.85
CA THR B 44 -22.04 16.86 -6.22
C THR B 44 -21.69 18.32 -6.43
N ALA B 45 -22.65 19.09 -6.92
CA ALA B 45 -22.52 20.54 -7.08
C ALA B 45 -23.76 21.33 -6.59
N ASN B 46 -23.58 22.58 -6.15
CA ASN B 46 -24.74 23.49 -5.87
C ASN B 46 -25.50 23.92 -7.14
N TYR B 47 -26.67 24.55 -6.98
CA TYR B 47 -27.45 24.91 -8.18
C TYR B 47 -26.75 25.84 -9.17
N PRO B 48 -26.07 26.88 -8.66
CA PRO B 48 -25.36 27.79 -9.57
C PRO B 48 -24.34 27.03 -10.46
N ALA B 49 -23.85 25.90 -9.96
CA ALA B 49 -22.95 25.05 -10.74
C ALA B 49 -23.78 24.18 -11.68
N ARG B 50 -24.85 23.60 -11.15
CA ARG B 50 -25.71 22.71 -11.94
C ARG B 50 -26.24 23.39 -13.19
N LYS B 51 -26.43 24.70 -13.14
CA LYS B 51 -26.83 25.39 -14.35
C LYS B 51 -25.73 25.47 -15.41
N PHE B 52 -24.48 25.19 -15.04
CA PHE B 52 -23.48 25.03 -16.08
C PHE B 52 -23.38 23.59 -16.60
N GLY B 53 -24.22 22.71 -16.09
CA GLY B 53 -24.22 21.32 -16.54
C GLY B 53 -23.38 20.44 -15.65
N VAL B 54 -22.64 21.05 -14.71
CA VAL B 54 -21.84 20.27 -13.75
C VAL B 54 -22.74 19.38 -12.90
N ARG B 55 -22.46 18.07 -12.91
CA ARG B 55 -23.20 17.13 -12.06
C ARG B 55 -22.30 16.06 -11.41
N SER B 56 -22.93 15.30 -10.53
CA SER B 56 -22.37 14.13 -9.90
C SER B 56 -21.79 13.15 -10.89
N ALA B 57 -20.61 12.57 -10.55
CA ALA B 57 -20.00 11.54 -11.37
C ALA B 57 -19.18 12.12 -12.54
N MET B 58 -19.40 13.41 -12.82
CA MET B 58 -18.71 14.02 -13.94
C MET B 58 -17.21 14.13 -13.62
N PRO B 59 -16.33 13.75 -14.58
CA PRO B 59 -14.88 13.92 -14.31
C PRO B 59 -14.52 15.38 -14.08
N THR B 60 -13.83 15.66 -12.98
CA THR B 60 -13.56 17.04 -12.64
C THR B 60 -13.02 17.85 -13.83
N GLY B 61 -12.29 17.16 -14.70
CA GLY B 61 -11.76 17.74 -15.92
C GLY B 61 -12.92 18.38 -16.62
N MET B 62 -13.87 17.56 -17.06
CA MET B 62 -15.06 18.07 -17.76
C MET B 62 -15.74 19.19 -16.98
N ALA B 63 -15.81 19.08 -15.65
CA ALA B 63 -16.48 20.10 -14.83
C ALA B 63 -15.88 21.51 -14.99
N LEU B 64 -14.55 21.58 -15.13
CA LEU B 64 -13.87 22.86 -15.24
C LEU B 64 -14.05 23.52 -16.61
N LYS B 65 -14.06 22.72 -17.67
CA LYS B 65 -14.30 23.25 -19.01
C LYS B 65 -15.71 23.81 -19.06
N LEU B 66 -16.67 23.05 -18.52
CA LEU B 66 -18.05 23.53 -18.46
C LEU B 66 -18.20 24.76 -17.54
N CYS B 67 -17.37 24.87 -16.50
CA CYS B 67 -17.56 25.95 -15.53
C CYS B 67 -16.26 26.34 -14.84
N PRO B 68 -15.47 27.24 -15.49
CA PRO B 68 -14.06 27.51 -15.15
C PRO B 68 -13.96 28.11 -13.76
N HIS B 69 -14.90 29.01 -13.45
CA HIS B 69 -14.98 29.70 -12.17
C HIS B 69 -15.41 28.76 -11.04
N LEU B 70 -15.49 27.46 -11.32
CA LEU B 70 -15.92 26.51 -10.30
C LEU B 70 -14.95 26.43 -9.13
N THR B 71 -15.50 26.57 -7.92
CA THR B 71 -14.73 26.31 -6.71
C THR B 71 -14.87 24.85 -6.30
N LEU B 72 -13.72 24.18 -6.16
CA LEU B 72 -13.65 22.78 -5.79
C LEU B 72 -13.19 22.57 -4.35
N LEU B 73 -13.85 21.66 -3.66
CA LEU B 73 -13.66 21.45 -2.23
C LEU B 73 -13.52 19.96 -2.02
N PRO B 74 -12.78 19.55 -0.96
CA PRO B 74 -12.43 18.14 -0.79
C PRO B 74 -13.46 17.34 -0.01
N GLY B 75 -14.47 18.01 0.56
CA GLY B 75 -15.44 17.30 1.37
C GLY B 75 -14.96 17.03 2.77
N ARG B 76 -15.87 17.19 3.72
CA ARG B 76 -15.61 16.96 5.13
C ARG B 76 -16.53 15.87 5.64
N PHE B 77 -16.18 14.61 5.39
CA PHE B 77 -17.03 13.51 5.81
C PHE B 77 -17.54 13.64 7.25
N ASP B 78 -16.70 14.11 8.17
CA ASP B 78 -17.09 14.22 9.57
C ASP B 78 -18.25 15.18 9.75
N ALA B 79 -18.23 16.28 8.99
CA ALA B 79 -19.33 17.22 8.99
C ALA B 79 -20.59 16.55 8.44
N TYR B 80 -20.47 15.84 7.32
CA TYR B 80 -21.65 15.22 6.68
C TYR B 80 -22.22 14.10 7.55
N LYS B 81 -21.36 13.35 8.24
CA LYS B 81 -21.84 12.25 9.07
C LYS B 81 -22.62 12.74 10.30
N GLU B 82 -22.17 13.84 10.89
CA GLU B 82 -22.85 14.49 11.99
C GLU B 82 -24.30 14.87 11.58
N ALA B 83 -24.40 15.64 10.48
CA ALA B 83 -25.70 16.06 9.97
C ALA B 83 -26.59 14.88 9.64
N SER B 84 -25.99 13.78 9.22
CA SER B 84 -26.74 12.58 8.90
C SER B 84 -27.31 12.02 10.17
N ASN B 85 -26.49 11.94 11.21
CA ASN B 85 -26.95 11.38 12.48
C ASN B 85 -28.09 12.19 13.06
N HIS B 86 -27.99 13.51 12.87
CA HIS B 86 -28.88 14.47 13.49
C HIS B 86 -30.25 14.46 12.80
N ILE B 87 -30.27 14.38 11.47
CA ILE B 87 -31.52 14.11 10.74
C ILE B 87 -32.05 12.70 11.01
N ARG B 88 -31.16 11.74 11.24
CA ARG B 88 -31.63 10.42 11.62
C ARG B 88 -32.36 10.45 12.96
N GLU B 89 -31.83 11.28 13.87
CA GLU B 89 -32.42 11.53 15.18
C GLU B 89 -33.80 12.16 14.97
N ILE B 90 -33.86 13.13 14.06
CA ILE B 90 -35.10 13.85 13.80
C ILE B 90 -36.22 12.91 13.34
N PHE B 91 -35.87 12.02 12.41
CA PHE B 91 -36.75 10.95 11.98
C PHE B 91 -37.29 10.13 13.17
N SER B 92 -36.43 9.87 14.14
CA SER B 92 -36.78 8.92 15.22
C SER B 92 -37.84 9.44 16.19
N ARG B 93 -38.02 10.75 16.22
CA ARG B 93 -39.10 11.37 16.97
C ARG B 93 -40.47 10.93 16.45
N TYR B 94 -40.49 10.51 15.18
CA TYR B 94 -41.76 10.25 14.47
C TYR B 94 -42.10 8.79 14.30
N THR B 95 -41.10 7.93 14.19
CA THR B 95 -41.40 6.51 14.10
C THR B 95 -40.16 5.63 14.27
N SER B 96 -40.39 4.38 14.67
CA SER B 96 -39.37 3.34 14.65
C SER B 96 -39.10 2.84 13.24
N ARG B 97 -40.00 3.16 12.30
CA ARG B 97 -39.90 2.64 10.93
C ARG B 97 -38.96 3.47 10.06
N ILE B 98 -37.65 3.32 10.27
CA ILE B 98 -36.67 4.11 9.52
C ILE B 98 -35.61 3.25 8.84
N GLU B 99 -35.65 3.26 7.51
CA GLU B 99 -34.66 2.55 6.68
C GLU B 99 -33.84 3.59 5.91
N PRO B 100 -32.66 3.93 6.44
CA PRO B 100 -31.82 4.90 5.75
C PRO B 100 -31.20 4.21 4.53
N LEU B 101 -31.01 4.96 3.45
CA LEU B 101 -30.44 4.34 2.24
C LEU B 101 -29.02 4.82 2.05
N SER B 102 -28.72 5.93 2.70
CA SER B 102 -27.45 6.63 2.57
C SER B 102 -27.43 7.71 3.67
N LEU B 103 -26.37 8.51 3.71
CA LEU B 103 -26.30 9.58 4.69
C LEU B 103 -27.49 10.54 4.58
N ASP B 104 -28.05 10.69 3.38
CA ASP B 104 -28.92 11.86 3.17
C ASP B 104 -30.32 11.52 2.69
N GLU B 105 -30.60 10.23 2.61
CA GLU B 105 -31.88 9.72 2.20
C GLU B 105 -32.36 8.75 3.27
N ALA B 106 -33.67 8.54 3.32
CA ALA B 106 -34.29 7.59 4.24
C ALA B 106 -35.75 7.39 3.88
N TYR B 107 -36.19 6.13 3.94
CA TYR B 107 -37.61 5.82 3.90
C TYR B 107 -38.20 5.86 5.29
N LEU B 108 -39.39 6.45 5.42
CA LEU B 108 -40.20 6.32 6.64
C LEU B 108 -41.59 5.74 6.34
N ASP B 109 -41.96 4.69 7.07
CA ASP B 109 -43.33 4.21 7.06
C ASP B 109 -44.09 4.85 8.22
N VAL B 110 -45.23 5.47 7.90
CA VAL B 110 -45.99 6.21 8.89
C VAL B 110 -47.47 5.86 8.87
N THR B 111 -47.82 4.72 8.29
CA THR B 111 -49.23 4.34 8.23
C THR B 111 -49.84 4.31 9.65
N ASP B 112 -49.13 3.68 10.59
CA ASP B 112 -49.63 3.47 11.95
C ASP B 112 -49.31 4.60 12.94
N SER B 113 -49.44 5.86 12.49
CA SER B 113 -48.96 6.98 13.29
C SER B 113 -50.05 7.91 13.78
N VAL B 114 -49.92 8.26 15.05
CA VAL B 114 -50.86 9.17 15.70
C VAL B 114 -50.09 10.43 16.09
N HIS B 115 -49.38 10.99 15.12
CA HIS B 115 -48.62 12.22 15.34
C HIS B 115 -49.38 13.48 14.91
N CYS B 116 -49.02 14.02 13.74
CA CYS B 116 -49.60 15.24 13.22
C CYS B 116 -51.03 15.02 12.72
N HIS B 117 -51.96 14.80 13.66
CA HIS B 117 -53.40 14.52 13.36
C HIS B 117 -53.60 13.29 12.45
N GLY B 118 -52.53 12.56 12.18
CA GLY B 118 -52.61 11.45 11.23
C GLY B 118 -51.99 11.74 9.87
N SER B 119 -51.79 13.02 9.55
CA SER B 119 -51.38 13.46 8.21
C SER B 119 -49.95 13.11 7.83
N ALA B 120 -49.81 12.38 6.73
CA ALA B 120 -48.49 12.13 6.13
C ALA B 120 -47.89 13.38 5.45
N THR B 121 -48.76 14.26 4.98
CA THR B 121 -48.33 15.45 4.24
C THR B 121 -47.62 16.42 5.19
N LEU B 122 -48.18 16.55 6.39
CA LEU B 122 -47.72 17.53 7.38
C LEU B 122 -46.59 16.99 8.25
N ILE B 123 -46.45 15.67 8.33
CA ILE B 123 -45.35 15.10 9.09
C ILE B 123 -44.10 15.37 8.27
N ALA B 124 -44.24 15.21 6.96
CA ALA B 124 -43.17 15.46 6.03
C ALA B 124 -42.76 16.91 6.14
N GLN B 125 -43.76 17.78 6.21
CA GLN B 125 -43.48 19.21 6.25
C GLN B 125 -42.89 19.63 7.60
N GLU B 126 -43.26 18.92 8.67
CA GLU B 126 -42.69 19.21 9.98
C GLU B 126 -41.35 18.52 10.19
N ILE B 127 -40.95 17.68 9.24
CA ILE B 127 -39.63 17.09 9.28
C ILE B 127 -38.68 17.97 8.47
N ARG B 128 -39.09 18.31 7.25
CA ARG B 128 -38.35 19.27 6.42
C ARG B 128 -38.02 20.53 7.22
N GLN B 129 -39.06 21.17 7.75
CA GLN B 129 -38.98 22.07 8.89
C GLN B 129 -38.57 21.24 10.10
N THR B 130 -37.77 21.81 11.00
CA THR B 130 -37.18 21.08 12.13
C THR B 130 -35.85 20.49 11.72
N ILE B 131 -35.69 20.23 10.42
CA ILE B 131 -34.38 20.01 9.85
C ILE B 131 -33.81 21.38 9.49
N PHE B 132 -34.63 22.21 8.84
CA PHE B 132 -34.19 23.54 8.42
C PHE B 132 -33.84 24.33 9.68
N ASN B 133 -34.81 24.44 10.59
CA ASN B 133 -34.55 24.86 11.96
C ASN B 133 -33.84 23.73 12.65
N GLU B 134 -32.93 24.05 13.56
CA GLU B 134 -32.04 23.04 14.14
C GLU B 134 -30.79 22.76 13.30
N LEU B 135 -30.95 22.53 11.99
CA LEU B 135 -29.82 22.14 11.13
C LEU B 135 -29.40 23.14 10.05
N GLN B 136 -30.21 24.20 9.84
CA GLN B 136 -29.96 25.21 8.78
C GLN B 136 -29.62 24.55 7.44
N LEU B 137 -30.33 23.45 7.16
CA LEU B 137 -30.19 22.70 5.91
C LEU B 137 -31.59 22.34 5.43
N THR B 138 -31.87 22.56 4.15
CA THR B 138 -33.14 22.13 3.53
C THR B 138 -33.20 20.64 3.12
N ALA B 139 -34.40 20.18 2.77
CA ALA B 139 -34.68 18.77 2.51
C ALA B 139 -35.98 18.63 1.75
N SER B 140 -35.98 17.79 0.72
CA SER B 140 -37.20 17.54 -0.04
C SER B 140 -37.79 16.22 0.35
N ALA B 141 -39.10 16.05 0.09
CA ALA B 141 -39.80 14.83 0.51
C ALA B 141 -40.88 14.37 -0.48
N GLY B 142 -41.15 13.08 -0.44
CA GLY B 142 -42.10 12.42 -1.30
C GLY B 142 -42.98 11.63 -0.34
N VAL B 143 -44.30 11.83 -0.44
CA VAL B 143 -45.29 10.96 0.19
C VAL B 143 -46.06 10.19 -0.87
N ALA B 144 -45.90 8.87 -0.88
CA ALA B 144 -46.80 8.01 -1.67
C ALA B 144 -47.22 6.72 -0.91
N PRO B 145 -48.07 5.86 -1.53
CA PRO B 145 -48.41 4.59 -0.87
C PRO B 145 -47.26 3.56 -0.88
N VAL B 146 -46.32 3.65 -1.82
CA VAL B 146 -45.24 2.63 -1.94
C VAL B 146 -43.83 3.19 -2.12
N LYS B 147 -42.81 2.36 -1.81
CA LYS B 147 -41.41 2.81 -1.86
C LYS B 147 -41.05 3.58 -3.10
N PHE B 148 -41.25 2.98 -4.27
CA PHE B 148 -40.73 3.58 -5.52
C PHE B 148 -41.43 4.89 -5.91
N LEU B 149 -42.68 5.06 -5.49
CA LEU B 149 -43.37 6.28 -5.79
C LEU B 149 -43.06 7.36 -4.76
N ALA B 150 -42.84 6.97 -3.50
CA ALA B 150 -42.34 7.93 -2.52
C ALA B 150 -40.97 8.46 -2.98
N LYS B 151 -40.16 7.59 -3.58
CA LYS B 151 -38.86 8.02 -4.07
C LYS B 151 -39.04 8.96 -5.24
N ILE B 152 -39.77 8.54 -6.27
CA ILE B 152 -40.01 9.45 -7.39
C ILE B 152 -40.48 10.83 -6.94
N ALA B 153 -41.46 10.88 -6.02
CA ALA B 153 -42.09 12.13 -5.60
C ALA B 153 -41.20 13.05 -4.76
N SER B 154 -40.21 12.50 -4.06
CA SER B 154 -39.32 13.39 -3.30
C SER B 154 -38.52 14.22 -4.29
N ASP B 155 -38.37 13.70 -5.49
CA ASP B 155 -37.54 14.33 -6.50
C ASP B 155 -38.28 15.41 -7.29
N MET B 156 -39.61 15.33 -7.27
CA MET B 156 -40.45 16.14 -8.15
C MET B 156 -40.40 17.64 -7.85
N ASN B 157 -40.42 17.98 -6.55
CA ASN B 157 -40.30 19.38 -6.11
C ASN B 157 -38.94 19.75 -5.44
N LYS B 158 -37.84 19.22 -5.93
CA LYS B 158 -36.54 19.62 -5.39
C LYS B 158 -36.12 21.01 -5.92
N PRO B 159 -35.52 21.84 -5.06
CA PRO B 159 -35.25 21.62 -3.65
C PRO B 159 -36.34 22.14 -2.72
N ASN B 160 -36.14 21.89 -1.41
CA ASN B 160 -37.00 22.42 -0.37
C ASN B 160 -38.44 22.46 -0.84
N GLY B 161 -38.93 21.30 -1.25
CA GLY B 161 -40.38 21.13 -1.49
C GLY B 161 -40.74 19.67 -1.25
N GLN B 162 -41.98 19.32 -1.56
CA GLN B 162 -42.42 17.95 -1.53
C GLN B 162 -43.58 17.69 -2.48
N PHE B 163 -43.86 16.43 -2.76
CA PHE B 163 -45.02 16.07 -3.59
C PHE B 163 -45.75 14.89 -2.95
N VAL B 164 -47.07 15.02 -2.83
CA VAL B 164 -47.92 13.89 -2.39
C VAL B 164 -48.63 13.20 -3.54
N ILE B 165 -48.71 11.88 -3.46
CA ILE B 165 -49.54 11.06 -4.33
C ILE B 165 -50.38 10.13 -3.46
N THR B 166 -51.69 10.33 -3.53
CA THR B 166 -52.68 9.47 -2.87
C THR B 166 -52.91 8.17 -3.65
N PRO B 167 -53.51 7.17 -2.99
CA PRO B 167 -53.83 5.93 -3.69
C PRO B 167 -54.69 6.19 -4.93
N ALA B 168 -55.58 7.19 -4.82
CA ALA B 168 -56.51 7.57 -5.90
C ALA B 168 -55.69 8.11 -7.10
N GLU B 169 -54.71 8.94 -6.80
CA GLU B 169 -53.99 9.59 -7.88
C GLU B 169 -53.04 8.64 -8.62
N VAL B 170 -52.63 7.54 -7.99
CA VAL B 170 -51.69 6.63 -8.65
C VAL B 170 -52.08 6.10 -10.04
N PRO B 171 -53.36 5.85 -10.32
CA PRO B 171 -53.42 5.33 -11.70
C PRO B 171 -53.08 6.33 -12.80
N ALA B 172 -53.54 7.57 -12.66
CA ALA B 172 -53.23 8.63 -13.61
C ALA B 172 -51.70 8.93 -13.70
N PHE B 173 -51.14 9.45 -12.61
CA PHE B 173 -49.70 9.65 -12.47
C PHE B 173 -48.85 8.66 -13.29
N LEU B 174 -49.13 7.38 -13.04
CA LEU B 174 -48.51 6.22 -13.66
C LEU B 174 -48.57 6.12 -15.19
N GLN B 175 -49.69 6.53 -15.78
CA GLN B 175 -49.95 6.26 -17.20
C GLN B 175 -48.99 6.98 -18.17
N THR B 176 -48.50 8.14 -17.75
CA THR B 176 -47.56 8.92 -18.58
C THR B 176 -46.15 9.01 -17.92
N LEU B 177 -45.98 8.33 -16.80
CA LEU B 177 -44.75 8.37 -16.04
C LEU B 177 -43.61 7.79 -16.90
N PRO B 178 -42.63 8.62 -17.29
CA PRO B 178 -41.54 8.05 -18.08
C PRO B 178 -40.83 6.97 -17.31
N LEU B 179 -40.53 5.85 -17.95
CA LEU B 179 -39.84 4.74 -17.28
C LEU B 179 -38.50 5.14 -16.63
N ALA B 180 -37.74 6.05 -17.25
CA ALA B 180 -36.37 6.37 -16.78
C ALA B 180 -36.41 6.88 -15.36
N LYS B 181 -37.60 7.33 -14.95
CA LYS B 181 -37.85 7.83 -13.61
C LYS B 181 -37.99 6.70 -12.55
N ILE B 182 -38.39 5.50 -12.98
CA ILE B 182 -38.48 4.36 -12.07
C ILE B 182 -37.10 4.03 -11.49
N PRO B 183 -36.97 4.11 -10.17
CA PRO B 183 -35.68 3.76 -9.61
C PRO B 183 -35.27 2.35 -10.08
N GLY B 184 -33.99 2.14 -10.41
CA GLY B 184 -33.58 0.90 -11.03
C GLY B 184 -33.52 0.93 -12.55
N VAL B 185 -34.10 1.95 -13.16
CA VAL B 185 -34.09 2.05 -14.61
C VAL B 185 -33.04 3.08 -14.97
N GLY B 186 -31.85 2.60 -15.33
CA GLY B 186 -30.80 3.50 -15.77
C GLY B 186 -30.72 3.64 -17.28
N LYS B 187 -29.70 4.35 -17.74
CA LYS B 187 -29.55 4.67 -19.16
C LYS B 187 -29.59 3.44 -20.08
N VAL B 188 -29.05 2.32 -19.59
CA VAL B 188 -28.90 1.12 -20.43
C VAL B 188 -30.27 0.47 -20.57
N SER B 189 -30.93 0.23 -19.45
CA SER B 189 -32.27 -0.32 -19.50
C SER B 189 -33.17 0.61 -20.32
N ALA B 190 -33.09 1.90 -20.04
CA ALA B 190 -33.95 2.88 -20.74
C ALA B 190 -33.80 2.79 -22.26
N ALA B 191 -32.56 2.62 -22.72
CA ALA B 191 -32.27 2.42 -24.12
C ALA B 191 -33.01 1.18 -24.58
N LYS B 192 -32.82 0.07 -23.88
CA LYS B 192 -33.36 -1.22 -24.33
C LYS B 192 -34.87 -1.16 -24.44
N LEU B 193 -35.50 -0.62 -23.41
CA LEU B 193 -36.94 -0.38 -23.40
C LEU B 193 -37.34 0.59 -24.52
N GLU B 194 -36.59 1.68 -24.65
CA GLU B 194 -36.87 2.69 -25.69
C GLU B 194 -36.77 2.13 -27.10
N ALA B 195 -35.78 1.27 -27.33
CA ALA B 195 -35.61 0.66 -28.63
C ALA B 195 -36.52 -0.55 -28.81
N MET B 196 -37.38 -0.82 -27.85
CA MET B 196 -38.47 -1.74 -28.09
C MET B 196 -39.88 -1.12 -27.86
N GLY B 197 -40.01 0.16 -28.26
CA GLY B 197 -41.29 0.89 -28.21
C GLY B 197 -41.70 1.43 -26.85
N LEU B 198 -41.04 0.96 -25.78
CA LEU B 198 -41.48 1.19 -24.39
C LEU B 198 -40.86 2.40 -23.69
N ARG B 199 -41.68 3.40 -23.38
CA ARG B 199 -41.18 4.64 -22.77
C ARG B 199 -41.90 5.03 -21.47
N THR B 200 -43.21 4.83 -21.42
CA THR B 200 -43.96 5.18 -20.22
C THR B 200 -44.45 3.92 -19.52
N CYS B 201 -44.87 4.06 -18.26
CA CYS B 201 -45.56 2.99 -17.55
C CYS B 201 -46.87 2.59 -18.25
N GLY B 202 -47.49 3.53 -18.96
CA GLY B 202 -48.67 3.19 -19.77
C GLY B 202 -48.35 2.03 -20.70
N ASP B 203 -47.23 2.18 -21.40
CA ASP B 203 -46.79 1.22 -22.40
C ASP B 203 -46.57 -0.17 -21.77
N VAL B 204 -45.99 -0.18 -20.56
CA VAL B 204 -45.64 -1.43 -19.86
C VAL B 204 -46.89 -2.19 -19.41
N GLN B 205 -47.96 -1.46 -19.11
CA GLN B 205 -49.23 -2.11 -18.83
C GLN B 205 -49.67 -2.90 -20.07
N LYS B 206 -49.66 -2.25 -21.23
CA LYS B 206 -50.23 -2.78 -22.48
C LYS B 206 -49.29 -3.72 -23.28
N CYS B 207 -48.01 -3.73 -22.92
CA CYS B 207 -47.04 -4.59 -23.59
C CYS B 207 -47.20 -6.01 -23.04
N ASP B 208 -46.86 -7.01 -23.84
CA ASP B 208 -47.07 -8.39 -23.44
C ASP B 208 -45.94 -8.98 -22.59
N LEU B 209 -46.21 -9.08 -21.29
CA LEU B 209 -45.30 -9.56 -20.24
C LEU B 209 -44.41 -10.74 -20.63
N VAL B 210 -44.92 -11.58 -21.52
CA VAL B 210 -44.13 -12.65 -22.12
C VAL B 210 -42.77 -12.13 -22.61
N MET B 211 -42.83 -11.10 -23.45
CA MET B 211 -41.65 -10.41 -23.98
C MET B 211 -40.69 -10.02 -22.85
N LEU B 212 -41.22 -9.31 -21.86
CA LEU B 212 -40.42 -8.69 -20.79
C LEU B 212 -39.54 -9.64 -19.96
N LEU B 213 -40.07 -10.82 -19.67
CA LEU B 213 -39.34 -11.80 -18.87
C LEU B 213 -38.21 -12.46 -19.67
N LYS B 214 -38.49 -12.81 -20.93
CA LYS B 214 -37.49 -13.38 -21.83
C LYS B 214 -36.33 -12.40 -21.94
N ARG B 215 -36.68 -11.12 -22.09
CA ARG B 215 -35.74 -10.05 -22.41
C ARG B 215 -34.88 -9.60 -21.24
N PHE B 216 -35.43 -9.62 -20.02
CA PHE B 216 -34.65 -9.22 -18.84
C PHE B 216 -35.19 -9.65 -17.46
N GLY B 217 -35.56 -10.93 -17.35
CA GLY B 217 -35.60 -11.63 -16.08
C GLY B 217 -36.21 -10.87 -14.93
N LYS B 218 -35.62 -11.02 -13.76
CA LYS B 218 -36.24 -10.50 -12.54
C LYS B 218 -36.62 -9.03 -12.66
N PHE B 219 -35.84 -8.32 -13.46
CA PHE B 219 -36.00 -6.88 -13.68
C PHE B 219 -37.27 -6.56 -14.47
N GLY B 220 -37.58 -7.39 -15.45
CA GLY B 220 -38.79 -7.22 -16.24
C GLY B 220 -39.98 -7.36 -15.30
N ARG B 221 -39.91 -8.35 -14.41
CA ARG B 221 -41.03 -8.58 -13.51
C ARG B 221 -41.30 -7.33 -12.71
N ILE B 222 -40.25 -6.85 -12.07
CA ILE B 222 -40.36 -5.70 -11.18
C ILE B 222 -40.85 -4.45 -11.93
N LEU B 223 -40.32 -4.28 -13.14
CA LEU B 223 -40.77 -3.22 -14.02
C LEU B 223 -42.27 -3.32 -14.25
N TRP B 224 -42.73 -4.53 -14.58
CA TRP B 224 -44.15 -4.79 -14.84
C TRP B 224 -45.05 -4.34 -13.68
N GLU B 225 -44.68 -4.79 -12.48
CA GLU B 225 -45.36 -4.49 -11.23
C GLU B 225 -45.46 -3.00 -10.93
N ARG B 226 -44.32 -2.34 -10.86
CA ARG B 226 -44.27 -0.93 -10.54
C ARG B 226 -45.03 -0.12 -11.59
N SER B 227 -45.07 -0.59 -12.83
CA SER B 227 -45.85 0.08 -13.88
C SER B 227 -47.33 -0.01 -13.57
N GLN B 228 -47.67 -0.92 -12.67
CA GLN B 228 -49.02 -1.07 -12.23
C GLN B 228 -49.27 -0.54 -10.82
N GLY B 229 -48.21 -0.01 -10.21
CA GLY B 229 -48.32 0.56 -8.88
C GLY B 229 -48.03 -0.48 -7.80
N ILE B 230 -47.69 -1.69 -8.21
CA ILE B 230 -47.38 -2.69 -7.22
C ILE B 230 -45.92 -2.56 -6.79
N ASP B 231 -45.70 -2.48 -5.48
CA ASP B 231 -44.39 -2.45 -4.87
C ASP B 231 -44.51 -2.64 -3.34
N GLU B 232 -44.61 -3.89 -2.91
CA GLU B 232 -44.93 -4.18 -1.52
C GLU B 232 -43.70 -4.41 -0.61
N ARG B 233 -42.59 -3.72 -0.87
CA ARG B 233 -41.40 -3.80 -0.01
C ARG B 233 -41.57 -2.97 1.27
N ASP B 234 -41.20 -3.54 2.40
CA ASP B 234 -41.38 -2.85 3.67
C ASP B 234 -40.22 -1.95 4.03
N VAL B 235 -40.50 -0.83 4.66
CA VAL B 235 -39.47 -0.07 5.33
C VAL B 235 -38.74 -0.98 6.35
N ASN B 236 -37.48 -1.33 6.07
CA ASN B 236 -36.83 -2.40 6.83
C ASN B 236 -36.29 -2.03 8.21
N SER B 237 -35.49 -0.98 8.30
CA SER B 237 -34.88 -0.57 9.59
C SER B 237 -33.92 -1.60 10.21
N GLU B 238 -34.10 -2.87 9.86
CA GLU B 238 -33.25 -3.96 10.35
C GLU B 238 -32.25 -4.41 9.26
N ARG B 239 -31.59 -3.43 8.66
CA ARG B 239 -30.75 -3.68 7.50
C ARG B 239 -29.29 -3.35 7.78
N LEU B 240 -28.42 -4.34 7.60
CA LEU B 240 -27.00 -4.13 7.83
C LEU B 240 -26.23 -4.09 6.50
N ARG B 241 -25.14 -3.31 6.48
CA ARG B 241 -24.19 -3.40 5.36
C ARG B 241 -23.72 -4.84 5.17
N LYS B 242 -23.63 -5.27 3.91
CA LYS B 242 -23.22 -6.63 3.57
C LYS B 242 -21.72 -6.81 3.15
N SER B 243 -21.02 -5.68 3.01
CA SER B 243 -19.62 -5.69 2.61
C SER B 243 -18.95 -4.38 3.00
N VAL B 244 -17.62 -4.41 2.97
CA VAL B 244 -16.84 -3.20 3.20
C VAL B 244 -15.56 -3.27 2.38
N GLY B 245 -15.25 -2.17 1.72
CA GLY B 245 -14.11 -2.12 0.84
C GLY B 245 -13.34 -0.84 1.06
N VAL B 246 -12.08 -0.89 0.67
CA VAL B 246 -11.22 0.27 0.66
C VAL B 246 -10.46 0.25 -0.67
N GLU B 247 -10.51 1.37 -1.38
CA GLU B 247 -9.82 1.45 -2.66
C GLU B 247 -9.25 2.83 -2.93
N ARG B 248 -8.22 2.89 -3.78
CA ARG B 248 -7.51 4.12 -4.08
C ARG B 248 -7.21 4.19 -5.58
N THR B 249 -7.45 5.34 -6.20
CA THR B 249 -6.94 5.61 -7.53
C THR B 249 -5.66 6.49 -7.46
N MET B 250 -4.55 6.00 -8.01
CA MET B 250 -3.33 6.81 -8.04
C MET B 250 -3.38 7.92 -9.08
N ALA B 251 -2.66 9.01 -8.81
CA ALA B 251 -2.43 10.07 -9.81
C ALA B 251 -1.84 9.62 -11.16
N GLU B 252 -1.00 8.58 -11.12
CA GLU B 252 -0.42 8.02 -12.33
C GLU B 252 -0.51 6.52 -12.22
N ASP B 253 -0.58 5.83 -13.34
CA ASP B 253 -0.72 4.38 -13.28
C ASP B 253 0.54 3.79 -12.66
N ILE B 254 0.39 2.68 -11.96
CA ILE B 254 1.54 1.95 -11.47
C ILE B 254 1.88 0.83 -12.45
N HIS B 255 3.14 0.45 -12.51
CA HIS B 255 3.60 -0.58 -13.44
C HIS B 255 4.55 -1.57 -12.73
N HIS B 256 4.65 -1.48 -11.42
CA HIS B 256 5.52 -2.37 -10.68
C HIS B 256 4.74 -3.07 -9.59
N TRP B 257 4.96 -4.37 -9.45
CA TRP B 257 4.31 -5.12 -8.42
C TRP B 257 4.57 -4.52 -7.04
N SER B 258 5.81 -4.14 -6.76
CA SER B 258 6.12 -3.55 -5.43
C SER B 258 5.28 -2.30 -5.15
N GLU B 259 4.92 -1.55 -6.17
CA GLU B 259 4.00 -0.42 -5.98
C GLU B 259 2.59 -0.90 -5.61
N CYS B 260 2.13 -1.96 -6.27
CA CYS B 260 0.82 -2.52 -5.96
C CYS B 260 0.82 -3.04 -4.55
N GLU B 261 1.87 -3.78 -4.18
CA GLU B 261 1.96 -4.24 -2.80
C GLU B 261 2.12 -3.11 -1.75
N ALA B 262 2.87 -2.06 -2.05
CA ALA B 262 2.93 -0.96 -1.09
C ALA B 262 1.54 -0.29 -0.90
N ILE B 263 0.73 -0.23 -1.96
CA ILE B 263 -0.58 0.40 -1.82
C ILE B 263 -1.45 -0.45 -0.89
N ILE B 264 -1.41 -1.77 -1.07
CA ILE B 264 -2.14 -2.69 -0.18
C ILE B 264 -1.71 -2.51 1.29
N GLU B 265 -0.41 -2.35 1.54
CA GLU B 265 0.07 -2.09 2.90
C GLU B 265 -0.54 -0.82 3.50
N ARG B 266 -0.71 0.20 2.67
CA ARG B 266 -1.23 1.48 3.12
C ARG B 266 -2.76 1.42 3.28
N LEU B 267 -3.40 0.51 2.55
CA LEU B 267 -4.86 0.39 2.47
C LEU B 267 -5.36 -0.51 3.58
N TYR B 268 -4.59 -1.53 3.90
CA TYR B 268 -5.04 -2.55 4.85
C TYR B 268 -5.50 -2.06 6.23
N PRO B 269 -4.74 -1.11 6.83
CA PRO B 269 -5.14 -0.80 8.19
C PRO B 269 -6.47 -0.03 8.25
N GLU B 270 -6.76 0.74 7.21
CA GLU B 270 -8.07 1.34 7.08
C GLU B 270 -9.15 0.29 6.88
N LEU B 271 -8.85 -0.76 6.11
CA LEU B 271 -9.83 -1.82 5.97
C LEU B 271 -10.10 -2.42 7.35
N GLU B 272 -9.06 -2.56 8.15
CA GLU B 272 -9.19 -3.06 9.51
C GLU B 272 -10.09 -2.17 10.40
N ARG B 273 -9.69 -0.90 10.58
CA ARG B 273 -10.49 0.09 11.29
C ARG B 273 -11.96 -0.06 10.96
N ARG B 274 -12.30 0.16 9.69
CA ARG B 274 -13.69 0.08 9.25
C ARG B 274 -14.29 -1.28 9.55
N LEU B 275 -13.51 -2.35 9.43
CA LEU B 275 -13.99 -3.64 9.90
C LEU B 275 -14.24 -3.66 11.43
N ALA B 276 -13.23 -3.30 12.21
CA ALA B 276 -13.34 -3.27 13.67
C ALA B 276 -14.61 -2.58 14.16
N LYS B 277 -15.03 -1.51 13.48
CA LYS B 277 -16.25 -0.79 13.84
C LYS B 277 -17.51 -1.68 13.85
N VAL B 278 -17.64 -2.56 12.85
CA VAL B 278 -18.85 -3.36 12.72
C VAL B 278 -18.64 -4.83 13.11
N LYS B 279 -17.39 -5.25 13.24
CA LYS B 279 -17.11 -6.58 13.76
C LYS B 279 -15.76 -6.63 14.51
N PRO B 280 -15.80 -6.42 15.85
CA PRO B 280 -14.58 -6.28 16.66
C PRO B 280 -13.55 -7.39 16.43
N ASP B 281 -14.02 -8.58 16.09
CA ASP B 281 -13.15 -9.77 16.00
C ASP B 281 -12.70 -10.04 14.57
N LEU B 282 -13.23 -9.27 13.62
CA LEU B 282 -12.78 -9.25 12.22
C LEU B 282 -13.08 -10.58 11.54
N LEU B 283 -14.11 -11.25 12.04
CA LEU B 283 -14.56 -12.49 11.44
C LEU B 283 -15.43 -12.18 10.21
N ILE B 284 -15.12 -12.81 9.07
CA ILE B 284 -15.76 -12.46 7.78
C ILE B 284 -16.25 -13.67 7.00
N ALA B 285 -16.85 -13.45 5.83
CA ALA B 285 -17.27 -14.57 4.96
C ALA B 285 -16.31 -14.76 3.80
N ARG B 286 -15.90 -13.64 3.20
CA ARG B 286 -15.02 -13.63 2.02
C ARG B 286 -14.18 -12.40 2.07
N GLN B 287 -12.99 -12.50 1.48
CA GLN B 287 -12.16 -11.34 1.18
C GLN B 287 -11.57 -11.43 -0.24
N GLY B 288 -11.06 -10.31 -0.75
CA GLY B 288 -10.45 -10.29 -2.07
C GLY B 288 -9.85 -8.94 -2.44
N VAL B 289 -9.45 -8.81 -3.69
CA VAL B 289 -8.80 -7.57 -4.13
C VAL B 289 -9.40 -7.06 -5.43
N LYS B 290 -9.12 -5.79 -5.73
CA LYS B 290 -9.54 -5.25 -6.99
C LYS B 290 -8.38 -4.52 -7.71
N LEU B 291 -8.26 -4.76 -9.02
CA LEU B 291 -7.42 -3.94 -9.89
C LEU B 291 -8.26 -3.28 -10.98
N LYS B 292 -7.99 -2.01 -11.25
CA LYS B 292 -8.55 -1.36 -12.43
C LYS B 292 -7.36 -0.96 -13.26
N PHE B 293 -7.46 -1.11 -14.59
CA PHE B 293 -6.32 -0.87 -15.47
C PHE B 293 -6.53 0.39 -16.30
N ASP B 294 -5.52 0.74 -17.08
CA ASP B 294 -5.46 1.98 -17.86
C ASP B 294 -6.51 2.10 -18.94
N ASP B 295 -7.08 0.97 -19.35
CA ASP B 295 -8.18 0.94 -20.33
C ASP B 295 -9.57 1.06 -19.63
N PHE B 296 -9.50 1.29 -18.33
CA PHE B 296 -10.65 1.47 -17.41
C PHE B 296 -11.37 0.19 -17.01
N GLN B 297 -10.95 -0.94 -17.57
CA GLN B 297 -11.54 -2.21 -17.21
C GLN B 297 -11.06 -2.54 -15.81
N GLN B 298 -11.90 -3.17 -15.00
CA GLN B 298 -11.45 -3.66 -13.71
C GLN B 298 -11.75 -5.14 -13.57
N THR B 299 -11.01 -5.77 -12.66
CA THR B 299 -11.21 -7.16 -12.29
C THR B 299 -11.18 -7.20 -10.76
N THR B 300 -12.00 -8.08 -10.19
CA THR B 300 -11.99 -8.34 -8.76
C THR B 300 -11.66 -9.81 -8.65
N GLN B 301 -10.91 -10.16 -7.61
CA GLN B 301 -10.59 -11.56 -7.31
C GLN B 301 -10.81 -11.81 -5.82
N GLU B 302 -11.87 -12.55 -5.53
CA GLU B 302 -12.38 -12.79 -4.20
C GLU B 302 -12.46 -14.29 -3.86
N HIS B 303 -12.26 -14.64 -2.59
CA HIS B 303 -12.49 -16.01 -2.15
C HIS B 303 -13.04 -16.07 -0.72
N VAL B 304 -13.66 -17.19 -0.38
CA VAL B 304 -14.14 -17.43 0.99
C VAL B 304 -12.94 -17.52 1.94
N TRP B 305 -13.09 -16.85 3.08
CA TRP B 305 -12.00 -16.68 4.03
C TRP B 305 -12.66 -16.40 5.36
N PRO B 306 -12.14 -16.99 6.45
CA PRO B 306 -12.90 -16.90 7.72
C PRO B 306 -12.61 -15.62 8.53
N ARG B 307 -11.47 -15.00 8.25
CA ARG B 307 -11.03 -13.83 8.99
C ARG B 307 -10.22 -12.85 8.12
N LEU B 308 -10.28 -11.56 8.43
CA LEU B 308 -9.49 -10.56 7.72
C LEU B 308 -8.04 -10.98 7.83
N ASN B 309 -7.35 -11.06 6.69
CA ASN B 309 -5.93 -11.40 6.70
C ASN B 309 -5.09 -10.65 5.66
N LYS B 310 -4.26 -9.70 6.11
CA LYS B 310 -3.37 -9.01 5.19
C LYS B 310 -2.58 -9.93 4.24
N ALA B 311 -1.93 -10.96 4.78
CA ALA B 311 -1.06 -11.79 3.92
C ALA B 311 -1.82 -12.43 2.79
N ASP B 312 -3.05 -12.86 3.04
CA ASP B 312 -3.80 -13.61 2.05
C ASP B 312 -4.25 -12.67 0.95
N LEU B 313 -4.48 -11.42 1.32
CA LEU B 313 -4.81 -10.40 0.34
C LEU B 313 -3.61 -10.11 -0.59
N ILE B 314 -2.44 -9.87 0.00
CA ILE B 314 -1.23 -9.66 -0.79
C ILE B 314 -0.96 -10.80 -1.77
N ALA B 315 -0.99 -12.02 -1.26
CA ALA B 315 -0.89 -13.20 -2.08
C ALA B 315 -1.93 -13.23 -3.24
N THR B 316 -3.23 -13.00 -2.94
CA THR B 316 -4.21 -12.94 -4.01
C THR B 316 -3.80 -11.86 -5.04
N ALA B 317 -3.53 -10.66 -4.55
CA ALA B 317 -3.23 -9.53 -5.44
C ALA B 317 -2.06 -9.85 -6.38
N ARG B 318 -1.11 -10.67 -5.90
CA ARG B 318 0.04 -11.10 -6.68
C ARG B 318 -0.48 -11.98 -7.78
N LYS B 319 -1.22 -13.02 -7.41
CA LYS B 319 -1.95 -13.82 -8.40
C LYS B 319 -2.82 -12.96 -9.42
N THR B 320 -3.43 -11.87 -8.96
CA THR B 320 -4.23 -11.01 -9.91
C THR B 320 -3.37 -10.14 -10.82
N TRP B 321 -2.41 -9.48 -10.21
CA TRP B 321 -1.36 -8.81 -10.97
C TRP B 321 -0.72 -9.71 -12.05
N ASP B 322 -0.40 -10.96 -11.70
CA ASP B 322 0.31 -11.84 -12.64
C ASP B 322 -0.60 -12.40 -13.71
N GLU B 323 -1.81 -12.80 -13.32
CA GLU B 323 -2.67 -13.54 -14.23
C GLU B 323 -3.51 -12.67 -15.11
N ARG B 324 -3.83 -11.46 -14.64
CA ARG B 324 -4.93 -10.69 -15.28
C ARG B 324 -4.55 -9.31 -15.79
N ARG B 325 -3.42 -8.76 -15.36
CA ARG B 325 -3.05 -7.41 -15.75
C ARG B 325 -2.85 -7.30 -17.26
N GLY B 326 -2.50 -8.43 -17.88
CA GLY B 326 -2.15 -8.49 -19.31
C GLY B 326 -1.30 -7.36 -19.84
N GLY B 327 -0.17 -7.08 -19.16
CA GLY B 327 0.77 -6.09 -19.67
C GLY B 327 0.38 -4.64 -19.41
N ARG B 328 -0.79 -4.41 -18.81
CA ARG B 328 -1.34 -3.07 -18.67
C ARG B 328 -0.83 -2.27 -17.45
N GLY B 329 -0.93 -0.95 -17.54
CA GLY B 329 -0.84 -0.09 -16.36
C GLY B 329 -2.05 -0.25 -15.48
N VAL B 330 -1.89 0.07 -14.18
CA VAL B 330 -2.94 -0.04 -13.16
C VAL B 330 -3.22 1.30 -12.49
N ARG B 331 -4.45 1.79 -12.61
CA ARG B 331 -4.81 3.10 -12.05
C ARG B 331 -5.36 2.98 -10.63
N LEU B 332 -5.78 1.78 -10.25
CA LEU B 332 -6.44 1.60 -8.99
C LEU B 332 -6.12 0.26 -8.38
N VAL B 333 -5.91 0.25 -7.08
CA VAL B 333 -6.04 -1.01 -6.33
C VAL B 333 -7.03 -0.93 -5.17
N GLY B 334 -7.76 -2.01 -4.94
CA GLY B 334 -8.68 -2.03 -3.82
C GLY B 334 -8.67 -3.30 -3.01
N LEU B 335 -9.21 -3.21 -1.79
CA LEU B 335 -9.41 -4.40 -0.93
C LEU B 335 -10.89 -4.49 -0.59
N HIS B 336 -11.37 -5.71 -0.36
CA HIS B 336 -12.77 -5.96 -0.20
C HIS B 336 -13.01 -7.16 0.73
N VAL B 337 -13.97 -6.99 1.64
CA VAL B 337 -14.44 -8.02 2.54
C VAL B 337 -15.96 -8.09 2.38
N THR B 338 -16.50 -9.30 2.30
CA THR B 338 -17.95 -9.47 2.42
C THR B 338 -18.31 -10.16 3.74
N LEU B 339 -19.21 -9.51 4.48
CA LEU B 339 -19.53 -9.80 5.89
C LEU B 339 -20.23 -11.15 6.12
N LEU B 340 -20.14 -11.68 7.33
CA LEU B 340 -20.96 -12.85 7.67
C LEU B 340 -22.47 -12.52 7.79
N ASP B 341 -23.30 -13.54 7.54
CA ASP B 341 -24.74 -13.35 7.31
C ASP B 341 -25.58 -12.95 8.52
N PRO B 342 -25.94 -13.91 9.39
CA PRO B 342 -26.85 -13.60 10.51
C PRO B 342 -26.14 -12.73 11.57
O2 1FZ G . 29.03 -3.25 -2.95
O4 1FZ G . 25.25 -1.10 -1.24
C4 1FZ G . 26.51 -1.53 -1.09
C5 1FZ G . 27.25 -1.24 0.18
C6 1FZ G . 28.57 -1.66 0.30
C5M 1FZ G . 26.56 -0.51 1.30
N3 1FZ G . 27.15 -2.19 -2.08
C2 1FZ G . 28.43 -2.58 -1.95
N1 1FZ G . 29.15 -2.43 -0.74
C1' 1FZ G . 30.62 -2.76 -0.73
C2' 1FZ G . 31.49 -1.58 -1.12
C3' 1FZ G . 32.00 -1.03 0.19
O3' 1FZ G . 33.34 -0.53 -0.01
O4' 1FZ G . 30.97 -3.13 0.59
C4' 1FZ G . 31.97 -2.24 1.11
C5' 1FZ G . 31.87 -1.99 2.63
O5' 1FZ G . 30.59 -1.47 2.94
PA 1FZ G . 30.26 -0.20 3.88
O1A 1FZ G . 31.08 -0.41 5.14
O2A 1FZ G . 28.76 -0.21 4.00
N3A 1FZ G . 30.71 1.12 3.03
PB 1FZ G . 32.23 1.68 2.81
O1B 1FZ G . 32.55 1.91 1.38
O2B 1FZ G . 33.22 0.86 3.61
O3B 1FZ G . 32.07 3.19 3.32
PG 1FZ G . 32.18 3.65 4.84
O1G 1FZ G . 32.08 2.41 5.68
O3G 1FZ G . 33.47 4.35 4.91
O2G 1FZ G . 31.06 4.59 5.06
MG MG H . 33.01 0.35 5.73
MG MG I . 30.53 -2.45 6.77
O2 1FZ J . -20.58 11.12 -3.69
O4 1FZ J . -22.45 10.18 -7.90
C4 1FZ J . -22.61 10.59 -6.61
C5 1FZ J . -23.98 10.94 -6.09
C6 1FZ J . -24.07 11.37 -4.77
C5M 1FZ J . -25.21 10.88 -6.98
N3 1FZ J . -21.55 10.66 -5.77
C2 1FZ J . -21.68 11.07 -4.48
N1 1FZ J . -22.95 11.33 -3.90
C1' 1FZ J . -22.97 12.19 -2.70
C2' 1FZ J . -23.09 13.67 -2.98
C3' 1FZ J . -24.53 14.00 -2.61
O3' 1FZ J . -24.63 15.30 -2.02
O4' 1FZ J . -24.09 11.78 -1.92
C4' 1FZ J . -24.96 12.89 -1.67
C5' 1FZ J . -26.41 12.45 -1.84
O5' 1FZ J . -26.71 12.10 -3.21
PA 1FZ J . -27.96 12.76 -4.05
O1A 1FZ J . -29.10 12.99 -3.03
O2A 1FZ J . -28.22 11.81 -5.21
N3A 1FZ J . -27.52 14.21 -4.60
PB 1FZ J . -27.57 15.62 -3.81
O1B 1FZ J . -26.31 16.44 -3.96
O2B 1FZ J . -28.04 15.50 -2.37
O3B 1FZ J . -28.58 16.46 -4.76
PG 1FZ J . -30.21 16.42 -4.66
O1G 1FZ J . -30.51 15.12 -3.95
O3G 1FZ J . -30.51 17.66 -3.90
O2G 1FZ J . -30.55 16.57 -6.11
MG MG K . -30.02 14.44 -1.93
MG MG L . -30.43 11.29 -2.98
#